data_5K2F
# 
_entry.id   5K2F 
# 
_audit_conform.dict_name       mmcif_pdbx.dic 
_audit_conform.dict_version    5.387 
_audit_conform.dict_location   http://mmcif.pdb.org/dictionaries/ascii/mmcif_pdbx.dic 
# 
loop_
_database_2.database_id 
_database_2.database_code 
_database_2.pdbx_database_accession 
_database_2.pdbx_DOI 
PDB   5K2F         pdb_00005k2f 10.2210/pdb5k2f/pdb 
WWPDB D_1000221621 ?            ?                   
EMDB  EMD-8197     ?            ?                   
# 
loop_
_pdbx_audit_revision_history.ordinal 
_pdbx_audit_revision_history.data_content_type 
_pdbx_audit_revision_history.major_revision 
_pdbx_audit_revision_history.minor_revision 
_pdbx_audit_revision_history.revision_date 
1  'Structure model' 1 0 2016-09-14 
2  'Structure model' 1 1 2016-09-21 
3  'Structure model' 1 2 2016-10-05 
4  'Structure model' 1 3 2016-10-19 
5  'Structure model' 1 4 2016-11-30 
6  'Structure model' 1 5 2017-09-13 
7  'Structure model' 1 6 2018-04-25 
8  'Structure model' 1 7 2019-11-20 
9  'Structure model' 1 8 2021-06-30 
10 'Structure model' 1 9 2024-03-06 
# 
_pdbx_audit_revision_details.ordinal             1 
_pdbx_audit_revision_details.revision_ordinal    1 
_pdbx_audit_revision_details.data_content_type   'Structure model' 
_pdbx_audit_revision_details.provider            repository 
_pdbx_audit_revision_details.type                'Initial release' 
_pdbx_audit_revision_details.description         ? 
_pdbx_audit_revision_details.details             ? 
# 
loop_
_pdbx_audit_revision_group.ordinal 
_pdbx_audit_revision_group.revision_ordinal 
_pdbx_audit_revision_group.data_content_type 
_pdbx_audit_revision_group.group 
1  2  'Structure model' 'Database references'        
2  3  'Structure model' 'Database references'        
3  4  'Structure model' 'Database references'        
4  5  'Structure model' 'Refinement description'     
5  6  'Structure model' 'Author supporting evidence' 
6  6  'Structure model' 'Data collection'            
7  7  'Structure model' 'Data collection'            
8  8  'Structure model' 'Author supporting evidence' 
9  9  'Structure model' 'Data collection'            
10 9  'Structure model' 'Derived calculations'       
11 10 'Structure model' 'Data collection'            
12 10 'Structure model' 'Database references'        
# 
loop_
_pdbx_audit_revision_category.ordinal 
_pdbx_audit_revision_category.revision_ordinal 
_pdbx_audit_revision_category.data_content_type 
_pdbx_audit_revision_category.category 
1  6  'Structure model' em_software            
2  6  'Structure model' pdbx_audit_support     
3  7  'Structure model' diffrn_source          
4  8  'Structure model' pdbx_audit_support     
5  9  'Structure model' diffrn_detector        
6  9  'Structure model' pdbx_struct_conn_angle 
7  9  'Structure model' struct_conn            
8  10 'Structure model' chem_comp_atom         
9  10 'Structure model' chem_comp_bond         
10 10 'Structure model' database_2             
# 
loop_
_pdbx_audit_revision_item.ordinal 
_pdbx_audit_revision_item.revision_ordinal 
_pdbx_audit_revision_item.data_content_type 
_pdbx_audit_revision_item.item 
1  6  'Structure model' '_em_software.name'                           
2  6  'Structure model' '_pdbx_audit_support.funding_organization'    
3  7  'Structure model' '_diffrn_source.source'                       
4  8  'Structure model' '_pdbx_audit_support.funding_organization'    
5  9  'Structure model' '_diffrn_detector.detector'                   
6  9  'Structure model' '_pdbx_struct_conn_angle.ptnr1_auth_comp_id'  
7  9  'Structure model' '_pdbx_struct_conn_angle.ptnr1_auth_seq_id'   
8  9  'Structure model' '_pdbx_struct_conn_angle.ptnr1_label_asym_id' 
9  9  'Structure model' '_pdbx_struct_conn_angle.ptnr1_label_atom_id' 
10 9  'Structure model' '_pdbx_struct_conn_angle.ptnr1_label_comp_id' 
11 9  'Structure model' '_pdbx_struct_conn_angle.ptnr1_label_seq_id'  
12 9  'Structure model' '_pdbx_struct_conn_angle.ptnr1_symmetry'      
13 9  'Structure model' '_pdbx_struct_conn_angle.ptnr2_symmetry'      
14 9  'Structure model' '_pdbx_struct_conn_angle.ptnr3_auth_comp_id'  
15 9  'Structure model' '_pdbx_struct_conn_angle.ptnr3_auth_seq_id'   
16 9  'Structure model' '_pdbx_struct_conn_angle.ptnr3_label_asym_id' 
17 9  'Structure model' '_pdbx_struct_conn_angle.ptnr3_label_atom_id' 
18 9  'Structure model' '_pdbx_struct_conn_angle.ptnr3_label_comp_id' 
19 9  'Structure model' '_pdbx_struct_conn_angle.ptnr3_label_seq_id'  
20 9  'Structure model' '_pdbx_struct_conn_angle.ptnr3_symmetry'      
21 9  'Structure model' '_pdbx_struct_conn_angle.value'               
22 9  'Structure model' '_struct_conn.pdbx_dist_value'                
23 9  'Structure model' '_struct_conn.ptnr1_auth_comp_id'             
24 9  'Structure model' '_struct_conn.ptnr1_auth_seq_id'              
25 9  'Structure model' '_struct_conn.ptnr1_label_asym_id'            
26 9  'Structure model' '_struct_conn.ptnr1_label_atom_id'            
27 9  'Structure model' '_struct_conn.ptnr1_label_comp_id'            
28 9  'Structure model' '_struct_conn.ptnr1_label_seq_id'             
29 9  'Structure model' '_struct_conn.ptnr2_auth_comp_id'             
30 9  'Structure model' '_struct_conn.ptnr2_auth_seq_id'              
31 9  'Structure model' '_struct_conn.ptnr2_label_asym_id'            
32 9  'Structure model' '_struct_conn.ptnr2_label_atom_id'            
33 9  'Structure model' '_struct_conn.ptnr2_label_comp_id'            
34 9  'Structure model' '_struct_conn.ptnr2_symmetry'                 
35 10 'Structure model' '_database_2.pdbx_DOI'                        
36 10 'Structure model' '_database_2.pdbx_database_accession'         
# 
_pdbx_database_status.status_code                     REL 
_pdbx_database_status.status_code_sf                  REL 
_pdbx_database_status.status_code_mr                  ? 
_pdbx_database_status.entry_id                        5K2F 
_pdbx_database_status.recvd_initial_deposition_date   2016-05-18 
_pdbx_database_status.SG_entry                        N 
_pdbx_database_status.deposit_site                    RCSB 
_pdbx_database_status.process_site                    RCSB 
_pdbx_database_status.status_code_cs                  ? 
_pdbx_database_status.methods_development_category    ? 
_pdbx_database_status.pdb_format_compatible           Y 
_pdbx_database_status.status_code_nmr_data            ? 
# 
loop_
_pdbx_database_related.db_name 
_pdbx_database_related.details 
_pdbx_database_related.db_id 
_pdbx_database_related.content_type 
EMDB .                                                       EMD-8197 'associated EM volume' 
EMDB .                                                       EMD-8196 'other EM volume'      
EMDB .                                                       EMD-8198 'other EM volume'      
EMDB .                                                       EMD-8199 'other EM volume'      
PDB  'NNQQNY from yeast prion Sup35 with zinc'               5K2E     unspecified            
PDB  'GNNQQNY from yeast prion Sup35 in space group P21'     5K2G     unspecified            
PDB  'GNNQQNY from yeast prion Sup35 in space group P212121' 5K2H     unspecified            
# 
loop_
_audit_author.name 
_audit_author.pdbx_ordinal 
'Rodriguez, J.A.' 1 
'Sawaya, M.R.'    2 
'Cascio, D.'      3 
'Eisenberg, D.S.' 4 
# 
_citation.abstract                  ? 
_citation.abstract_id_CAS           ? 
_citation.book_id_ISBN              ? 
_citation.book_publisher            ? 
_citation.book_publisher_city       ? 
_citation.book_title                ? 
_citation.coordinate_linkage        ? 
_citation.country                   US 
_citation.database_id_Medline       ? 
_citation.details                   ? 
_citation.id                        primary 
_citation.journal_abbrev            Proc.Natl.Acad.Sci.USA 
_citation.journal_id_ASTM           PNASA6 
_citation.journal_id_CSD            0040 
_citation.journal_id_ISSN           1091-6490 
_citation.journal_full              ? 
_citation.journal_issue             ? 
_citation.journal_volume            113 
_citation.language                  ? 
_citation.page_first                11232 
_citation.page_last                 11236 
_citation.title                     'Ab initio structure determination from prion nanocrystals at atomic resolution by MicroED.' 
_citation.year                      2016 
_citation.database_id_CSD           ? 
_citation.pdbx_database_id_DOI      10.1073/pnas.1606287113 
_citation.pdbx_database_id_PubMed   27647903 
_citation.unpublished_flag          ? 
# 
loop_
_citation_author.citation_id 
_citation_author.name 
_citation_author.ordinal 
_citation_author.identifier_ORCID 
primary 'Sawaya, M.R.'    1 ? 
primary 'Rodriguez, J.'   2 ? 
primary 'Cascio, D.'      3 ? 
primary 'Collazo, M.J.'   4 ? 
primary 'Shi, D.'         5 ? 
primary 'Reyes, F.E.'     6 ? 
primary 'Hattne, J.'      7 ? 
primary 'Gonen, T.'       8 ? 
primary 'Eisenberg, D.S.' 9 ? 
# 
loop_
_entity.id 
_entity.type 
_entity.src_method 
_entity.pdbx_description 
_entity.formula_weight 
_entity.pdbx_number_of_molecules 
_entity.pdbx_ec 
_entity.pdbx_mutation 
_entity.pdbx_fragment 
_entity.details 
1 polymer     syn 'Eukaryotic peptide chain release factor GTP-binding subunit' 779.755 1 ? ? 'UNP residues 8-13' ? 
2 non-polymer syn 'CADMIUM ION'                                                 112.411 1 ? ? ?                   ? 
3 non-polymer syn 'ACETATE ION'                                                 59.044  1 ? ? ?                   ? 
4 water       nat water                                                         18.015  7 ? ? ?                   ? 
# 
_entity_name_com.entity_id   1 
_entity_name_com.name        
;SUP35, ERF-3, ERF3, ERF2, G1 to S phase transition protein 1, Omnipotent suppressor protein 2, PSI no more protein 2, Polypeptide release factor 3, Translation release factor 3
;
# 
_entity_poly.entity_id                      1 
_entity_poly.type                           'polypeptide(L)' 
_entity_poly.nstd_linkage                   no 
_entity_poly.nstd_monomer                   no 
_entity_poly.pdbx_seq_one_letter_code       NNQQNY 
_entity_poly.pdbx_seq_one_letter_code_can   NNQQNY 
_entity_poly.pdbx_strand_id                 A 
_entity_poly.pdbx_target_identifier         ? 
# 
loop_
_pdbx_entity_nonpoly.entity_id 
_pdbx_entity_nonpoly.name 
_pdbx_entity_nonpoly.comp_id 
2 'CADMIUM ION' CD  
3 'ACETATE ION' ACT 
4 water         HOH 
# 
loop_
_entity_poly_seq.entity_id 
_entity_poly_seq.num 
_entity_poly_seq.mon_id 
_entity_poly_seq.hetero 
1 1 ASN n 
1 2 ASN n 
1 3 GLN n 
1 4 GLN n 
1 5 ASN n 
1 6 TYR n 
# 
_pdbx_entity_src_syn.entity_id              1 
_pdbx_entity_src_syn.pdbx_src_id            1 
_pdbx_entity_src_syn.pdbx_alt_source_flag   sample 
_pdbx_entity_src_syn.pdbx_beg_seq_num       1 
_pdbx_entity_src_syn.pdbx_end_seq_num       6 
_pdbx_entity_src_syn.organism_scientific    'Saccharomyces cerevisiae' 
_pdbx_entity_src_syn.organism_common_name   
;Baker's yeast
;
_pdbx_entity_src_syn.ncbi_taxonomy_id       4932 
_pdbx_entity_src_syn.details                ? 
# 
loop_
_chem_comp.id 
_chem_comp.type 
_chem_comp.mon_nstd_flag 
_chem_comp.name 
_chem_comp.pdbx_synonyms 
_chem_comp.formula 
_chem_comp.formula_weight 
ACT non-polymer         . 'ACETATE ION' ? 'C2 H3 O2 -1'  59.044  
ASN 'L-peptide linking' y ASPARAGINE    ? 'C4 H8 N2 O3'  132.118 
CD  non-polymer         . 'CADMIUM ION' ? 'Cd 2'         112.411 
GLN 'L-peptide linking' y GLUTAMINE     ? 'C5 H10 N2 O3' 146.144 
HOH non-polymer         . WATER         ? 'H2 O'         18.015  
TYR 'L-peptide linking' y TYROSINE      ? 'C9 H11 N O3'  181.189 
# 
loop_
_pdbx_poly_seq_scheme.asym_id 
_pdbx_poly_seq_scheme.entity_id 
_pdbx_poly_seq_scheme.seq_id 
_pdbx_poly_seq_scheme.mon_id 
_pdbx_poly_seq_scheme.ndb_seq_num 
_pdbx_poly_seq_scheme.pdb_seq_num 
_pdbx_poly_seq_scheme.auth_seq_num 
_pdbx_poly_seq_scheme.pdb_mon_id 
_pdbx_poly_seq_scheme.auth_mon_id 
_pdbx_poly_seq_scheme.pdb_strand_id 
_pdbx_poly_seq_scheme.pdb_ins_code 
_pdbx_poly_seq_scheme.hetero 
A 1 1 ASN 1 1 1 ASN ASN A . n 
A 1 2 ASN 2 2 2 ASN ASN A . n 
A 1 3 GLN 3 3 3 GLN GLN A . n 
A 1 4 GLN 4 4 4 GLN GLN A . n 
A 1 5 ASN 5 5 5 ASN ASN A . n 
A 1 6 TYR 6 6 6 TYR TYR A . n 
# 
loop_
_pdbx_nonpoly_scheme.asym_id 
_pdbx_nonpoly_scheme.entity_id 
_pdbx_nonpoly_scheme.mon_id 
_pdbx_nonpoly_scheme.ndb_seq_num 
_pdbx_nonpoly_scheme.pdb_seq_num 
_pdbx_nonpoly_scheme.auth_seq_num 
_pdbx_nonpoly_scheme.pdb_mon_id 
_pdbx_nonpoly_scheme.auth_mon_id 
_pdbx_nonpoly_scheme.pdb_strand_id 
_pdbx_nonpoly_scheme.pdb_ins_code 
B 2 CD  1 101 7 CD  CD  A . 
C 3 ACT 1 102 1 ACT ACT A . 
D 4 HOH 1 201 4 HOH HOH A . 
D 4 HOH 2 202 2 HOH HOH A . 
D 4 HOH 3 203 6 HOH HOH A . 
D 4 HOH 4 204 1 HOH HOH A . 
D 4 HOH 5 205 3 HOH HOH A . 
D 4 HOH 6 206 7 HOH HOH A . 
D 4 HOH 7 207 5 HOH HOH A . 
# 
loop_
_software.citation_id 
_software.classification 
_software.compiler_name 
_software.compiler_version 
_software.contact_author 
_software.contact_author_email 
_software.date 
_software.description 
_software.dependencies 
_software.hardware 
_software.language 
_software.location 
_software.mods 
_software.name 
_software.os 
_software.os_version 
_software.type 
_software.version 
_software.pdbx_ordinal 
? 'data collection' ? ? 'Zbyszek Otwinowski' hkl@hkl-xray.com         ?                ? ? ? ?          http://www.hkl-xray.com/ ? 
DENZO       ? ? program .    1 
? 'data scaling'    ? ? 'Zbyszek Otwinowski' hkl@hkl-xray.com         ?                ? ? ? ?          http://www.hkl-xray.com/ ? 
SCALEPACK   ? ? program .    2 
? refinement        ? ? 'Garib N. Murshudov' garib@ysbl.york.ac.uk    ?                ? ? ? Fortran_77 
http://www.ccp4.ac.uk/dist/html/refmac5.html ? REFMAC      ? ? program .    3 
? 'data extraction' ? ? PDB                  deposit@deposit.rcsb.org 'June. 20, 2015' ? ? ? C++        
http://sw-tools.pdb.org/apps/PDB_EXTRACT/    ? PDB_EXTRACT ? ? package 3.20 4 
# 
_cell.angle_alpha                  90.000 
_cell.angle_alpha_esd              ? 
_cell.angle_beta                   104.290 
_cell.angle_beta_esd               ? 
_cell.angle_gamma                  90.000 
_cell.angle_gamma_esd              ? 
_cell.entry_id                     5K2F 
_cell.details                      ? 
_cell.formula_units_Z              ? 
_cell.length_a                     22.074 
_cell.length_a_esd                 ? 
_cell.length_b                     4.932 
_cell.length_b_esd                 ? 
_cell.length_c                     23.510 
_cell.length_c_esd                 ? 
_cell.volume                       ? 
_cell.volume_esd                   ? 
_cell.Z_PDB                        2 
_cell.reciprocal_angle_alpha       ? 
_cell.reciprocal_angle_beta        ? 
_cell.reciprocal_angle_gamma       ? 
_cell.reciprocal_angle_alpha_esd   ? 
_cell.reciprocal_angle_beta_esd    ? 
_cell.reciprocal_angle_gamma_esd   ? 
_cell.reciprocal_length_a          ? 
_cell.reciprocal_length_b          ? 
_cell.reciprocal_length_c          ? 
_cell.reciprocal_length_a_esd      ? 
_cell.reciprocal_length_b_esd      ? 
_cell.reciprocal_length_c_esd      ? 
_cell.pdbx_unique_axis             ? 
# 
_symmetry.entry_id                         5K2F 
_symmetry.cell_setting                     ? 
_symmetry.Int_Tables_number                4 
_symmetry.space_group_name_Hall            ? 
_symmetry.space_group_name_H-M             'P 1 21 1' 
_symmetry.pdbx_full_space_group_name_H-M   ? 
# 
_exptl.absorpt_coefficient_mu     ? 
_exptl.absorpt_correction_T_max   ? 
_exptl.absorpt_correction_T_min   ? 
_exptl.absorpt_correction_type    ? 
_exptl.absorpt_process_details    ? 
_exptl.entry_id                   5K2F 
_exptl.crystals_number            ? 
_exptl.details                    ? 
_exptl.method                     'ELECTRON CRYSTALLOGRAPHY' 
_exptl.method_details             ? 
# 
_exptl_crystal.colour                      ? 
_exptl_crystal.density_diffrn              ? 
_exptl_crystal.density_Matthews            ? 
_exptl_crystal.density_method              ? 
_exptl_crystal.density_percent_sol         ? 
_exptl_crystal.description                 ? 
_exptl_crystal.F_000                       ? 
_exptl_crystal.id                          1 
_exptl_crystal.preparation                 ? 
_exptl_crystal.size_max                    ? 
_exptl_crystal.size_mid                    ? 
_exptl_crystal.size_min                    ? 
_exptl_crystal.size_rad                    ? 
_exptl_crystal.colour_lustre               ? 
_exptl_crystal.colour_modifier             ? 
_exptl_crystal.colour_primary              ? 
_exptl_crystal.density_meas                ? 
_exptl_crystal.density_meas_esd            ? 
_exptl_crystal.density_meas_gt             ? 
_exptl_crystal.density_meas_lt             ? 
_exptl_crystal.density_meas_temp           ? 
_exptl_crystal.density_meas_temp_esd       ? 
_exptl_crystal.density_meas_temp_gt        ? 
_exptl_crystal.density_meas_temp_lt        ? 
_exptl_crystal.pdbx_crystal_image_url      ? 
_exptl_crystal.pdbx_crystal_image_format   ? 
_exptl_crystal.pdbx_mosaicity              ? 
_exptl_crystal.pdbx_mosaicity_esd          ? 
# 
_exptl_crystal_grow.apparatus       ? 
_exptl_crystal_grow.atmosphere      ? 
_exptl_crystal_grow.crystal_id      1 
_exptl_crystal_grow.details         ? 
_exptl_crystal_grow.method          'VAPOR DIFFUSION, HANGING DROP' 
_exptl_crystal_grow.method_ref      ? 
_exptl_crystal_grow.pH              7.0 
_exptl_crystal_grow.pressure        ? 
_exptl_crystal_grow.pressure_esd    ? 
_exptl_crystal_grow.seeding         ? 
_exptl_crystal_grow.seeding_ref     ? 
_exptl_crystal_grow.temp            273 
_exptl_crystal_grow.temp_details    ? 
_exptl_crystal_grow.temp_esd        ? 
_exptl_crystal_grow.time            ? 
_exptl_crystal_grow.pdbx_details    '1.0 M sodium acetate, 0.1 M HEPES, pH 7.0, 0.01 M cadmium sulfate' 
_exptl_crystal_grow.pdbx_pH_range   ? 
# 
_diffrn.ambient_environment              ? 
_diffrn.ambient_temp                     100 
_diffrn.ambient_temp_details             ? 
_diffrn.ambient_temp_esd                 ? 
_diffrn.crystal_id                       1 
_diffrn.crystal_support                  ? 
_diffrn.crystal_treatment                ? 
_diffrn.details                          ? 
_diffrn.id                               1 
_diffrn.ambient_pressure                 ? 
_diffrn.ambient_pressure_esd             ? 
_diffrn.ambient_pressure_gt              ? 
_diffrn.ambient_pressure_lt              ? 
_diffrn.ambient_temp_gt                  ? 
_diffrn.ambient_temp_lt                  ? 
_diffrn.pdbx_serial_crystal_experiment   ? 
# 
_diffrn_detector.details                      ? 
_diffrn_detector.detector                     CMOS 
_diffrn_detector.diffrn_id                    1 
_diffrn_detector.type                         'TVIPS F416 CMOS CAMERA' 
_diffrn_detector.area_resol_mean              ? 
_diffrn_detector.dtime                        ? 
_diffrn_detector.pdbx_frames_total            ? 
_diffrn_detector.pdbx_collection_time_total   ? 
_diffrn_detector.pdbx_collection_date         2016-02-03 
# 
_diffrn_radiation_wavelength.id           1 
_diffrn_radiation_wavelength.wavelength   0.0251 
_diffrn_radiation_wavelength.wt           1.0 
# 
_diffrn_source.current                     ? 
_diffrn_source.details                     ? 
_diffrn_source.diffrn_id                   1 
_diffrn_source.power                       ? 
_diffrn_source.size                        ? 
_diffrn_source.source                      'ELECTRON MICROSCOPE' 
_diffrn_source.target                      ? 
_diffrn_source.type                        'TECNAI F20 TEM' 
_diffrn_source.voltage                     ? 
_diffrn_source.take-off_angle              ? 
_diffrn_source.pdbx_wavelength_list        0.0251 
_diffrn_source.pdbx_wavelength             ? 
_diffrn_source.pdbx_synchrotron_beamline   ? 
_diffrn_source.pdbx_synchrotron_site       ? 
# 
_reflns.B_iso_Wilson_estimate            ? 
_reflns.entry_id                         5K2F 
_reflns.data_reduction_details           ? 
_reflns.data_reduction_method            ? 
_reflns.d_resolution_high                1.000 
_reflns.d_resolution_low                 90.000 
_reflns.details                          ? 
_reflns.limit_h_max                      ? 
_reflns.limit_h_min                      ? 
_reflns.limit_k_max                      ? 
_reflns.limit_k_min                      ? 
_reflns.limit_l_max                      ? 
_reflns.limit_l_min                      ? 
_reflns.number_all                       ? 
_reflns.number_obs                       2564 
_reflns.observed_criterion               ? 
_reflns.observed_criterion_F_max         ? 
_reflns.observed_criterion_F_min         ? 
_reflns.observed_criterion_I_max         ? 
_reflns.observed_criterion_I_min         ? 
_reflns.observed_criterion_sigma_F       ? 
_reflns.observed_criterion_sigma_I       ? 
_reflns.percent_possible_obs             84.500 
_reflns.R_free_details                   ? 
_reflns.Rmerge_F_all                     ? 
_reflns.Rmerge_F_obs                     ? 
_reflns.Friedel_coverage                 ? 
_reflns.number_gt                        ? 
_reflns.threshold_expression             ? 
_reflns.pdbx_redundancy                  4.600 
_reflns.pdbx_Rmerge_I_obs                0.180 
_reflns.pdbx_Rmerge_I_all                ? 
_reflns.pdbx_Rsym_value                  ? 
_reflns.pdbx_netI_over_av_sigmaI         7.346 
_reflns.pdbx_netI_over_sigmaI            5.100 
_reflns.pdbx_res_netI_over_av_sigmaI_2   ? 
_reflns.pdbx_res_netI_over_sigmaI_2      ? 
_reflns.pdbx_chi_squared                 1.222 
_reflns.pdbx_scaling_rejects             ? 
_reflns.pdbx_d_res_high_opt              ? 
_reflns.pdbx_d_res_low_opt               ? 
_reflns.pdbx_d_res_opt_method            ? 
_reflns.phase_calculation_details        ? 
_reflns.pdbx_Rrim_I_all                  ? 
_reflns.pdbx_Rpim_I_all                  ? 
_reflns.pdbx_d_opt                       ? 
_reflns.pdbx_number_measured_all         11810 
_reflns.pdbx_diffrn_id                   1 
_reflns.pdbx_ordinal                     1 
_reflns.pdbx_CC_half                     ? 
_reflns.pdbx_R_split                     ? 
# 
loop_
_reflns_shell.d_res_high 
_reflns_shell.d_res_low 
_reflns_shell.meanI_over_sigI_all 
_reflns_shell.meanI_over_sigI_obs 
_reflns_shell.number_measured_all 
_reflns_shell.number_measured_obs 
_reflns_shell.number_possible 
_reflns_shell.number_unique_all 
_reflns_shell.number_unique_obs 
_reflns_shell.percent_possible_all 
_reflns_shell.percent_possible_obs 
_reflns_shell.Rmerge_F_all 
_reflns_shell.Rmerge_F_obs 
_reflns_shell.Rmerge_I_all 
_reflns_shell.Rmerge_I_obs 
_reflns_shell.meanI_over_sigI_gt 
_reflns_shell.meanI_over_uI_all 
_reflns_shell.meanI_over_uI_gt 
_reflns_shell.number_measured_gt 
_reflns_shell.number_unique_gt 
_reflns_shell.percent_possible_gt 
_reflns_shell.Rmerge_F_gt 
_reflns_shell.Rmerge_I_gt 
_reflns_shell.pdbx_redundancy 
_reflns_shell.pdbx_Rsym_value 
_reflns_shell.pdbx_chi_squared 
_reflns_shell.pdbx_netI_over_sigmaI_all 
_reflns_shell.pdbx_netI_over_sigmaI_obs 
_reflns_shell.pdbx_Rrim_I_all 
_reflns_shell.pdbx_Rpim_I_all 
_reflns_shell.pdbx_rejects 
_reflns_shell.pdbx_ordinal 
_reflns_shell.pdbx_diffrn_id 
_reflns_shell.pdbx_CC_half 
_reflns_shell.pdbx_R_split 
1.000 1.080  ? ? ? ? ? 365 ? 66.000 ? ? ? ? 0.282 ? ? ? ? ? ? ? ? 3.300 ? 1.038 ? ? ? ? 0 1 1 ? ? 
1.080 1.190  ? ? ? ? ? 496 ? 82.400 ? ? ? ? 0.238 ? ? ? ? ? ? ? ? 4.700 ? 1.107 ? ? ? ? 0 2 1 ? ? 
1.190 1.360  ? ? ? ? ? 534 ? 89.400 ? ? ? ? 0.250 ? ? ? ? ? ? ? ? 4.700 ? 1.105 ? ? ? ? 0 3 1 ? ? 
1.360 1.710  ? ? ? ? ? 578 ? 92.600 ? ? ? ? 0.245 ? ? ? ? ? ? ? ? 4.900 ? 1.296 ? ? ? ? 0 4 1 ? ? 
1.710 90.000 ? ? ? ? ? 591 ? 89.500 ? ? ? ? 0.139 ? ? ? ? ? ? ? ? 5.000 ? 1.404 ? ? ? ? 0 5 1 ? ? 
# 
_refine.aniso_B[1][1]                            0.2300 
_refine.aniso_B[1][2]                            0.0000 
_refine.aniso_B[1][3]                            0.3600 
_refine.aniso_B[2][2]                            -0.2900 
_refine.aniso_B[2][3]                            -0.0000 
_refine.aniso_B[3][3]                            -0.1100 
_refine.B_iso_max                                22.930 
_refine.B_iso_mean                               6.4440 
_refine.B_iso_min                                3.460 
_refine.correlation_coeff_Fo_to_Fc               0.9220 
_refine.correlation_coeff_Fo_to_Fc_free          0.9340 
_refine.details                                  'HYDROGENS HAVE BEEN USED IF PRESENT IN THE INPUT' 
_refine.diff_density_max                         ? 
_refine.diff_density_max_esd                     ? 
_refine.diff_density_min                         ? 
_refine.diff_density_min_esd                     ? 
_refine.diff_density_rms                         ? 
_refine.diff_density_rms_esd                     ? 
_refine.entry_id                                 5K2F 
_refine.pdbx_refine_id                           'ELECTRON CRYSTALLOGRAPHY' 
_refine.ls_abs_structure_details                 ? 
_refine.ls_abs_structure_Flack                   ? 
_refine.ls_abs_structure_Flack_esd               ? 
_refine.ls_abs_structure_Rogers                  ? 
_refine.ls_abs_structure_Rogers_esd              ? 
_refine.ls_d_res_high                            1.00 
_refine.ls_d_res_low                             22.7900 
_refine.ls_extinction_coef                       ? 
_refine.ls_extinction_coef_esd                   ? 
_refine.ls_extinction_expression                 ? 
_refine.ls_extinction_method                     ? 
_refine.ls_goodness_of_fit_all                   ? 
_refine.ls_goodness_of_fit_all_esd               ? 
_refine.ls_goodness_of_fit_obs                   ? 
_refine.ls_goodness_of_fit_obs_esd               ? 
_refine.ls_hydrogen_treatment                    ? 
_refine.ls_matrix_type                           ? 
_refine.ls_number_constraints                    ? 
_refine.ls_number_parameters                     ? 
_refine.ls_number_reflns_all                     ? 
_refine.ls_number_reflns_obs                     2308 
_refine.ls_number_reflns_R_free                  253 
_refine.ls_number_reflns_R_work                  ? 
_refine.ls_number_restraints                     ? 
_refine.ls_percent_reflns_obs                    80.9700 
_refine.ls_percent_reflns_R_free                 9.9000 
_refine.ls_R_factor_all                          ? 
_refine.ls_R_factor_obs                          0.2223 
_refine.ls_R_factor_R_free                       0.2415 
_refine.ls_R_factor_R_free_error                 ? 
_refine.ls_R_factor_R_free_error_details         ? 
_refine.ls_R_factor_R_work                       0.2203 
_refine.ls_R_Fsqd_factor_obs                     ? 
_refine.ls_R_I_factor_obs                        ? 
_refine.ls_redundancy_reflns_all                 ? 
_refine.ls_redundancy_reflns_obs                 ? 
_refine.ls_restrained_S_all                      ? 
_refine.ls_restrained_S_obs                      ? 
_refine.ls_shift_over_esd_max                    ? 
_refine.ls_shift_over_esd_mean                   ? 
_refine.ls_structure_factor_coef                 ? 
_refine.ls_weighting_details                     ? 
_refine.ls_weighting_scheme                      ? 
_refine.ls_wR_factor_all                         ? 
_refine.ls_wR_factor_obs                         ? 
_refine.ls_wR_factor_R_free                      ? 
_refine.ls_wR_factor_R_work                      ? 
_refine.occupancy_max                            ? 
_refine.occupancy_min                            ? 
_refine.solvent_model_details                    ? 
_refine.solvent_model_param_bsol                 ? 
_refine.solvent_model_param_ksol                 ? 
_refine.ls_R_factor_gt                           ? 
_refine.ls_goodness_of_fit_gt                    ? 
_refine.ls_goodness_of_fit_ref                   ? 
_refine.ls_shift_over_su_max                     ? 
_refine.ls_shift_over_su_max_lt                  ? 
_refine.ls_shift_over_su_mean                    ? 
_refine.ls_shift_over_su_mean_lt                 ? 
_refine.pdbx_ls_sigma_I                          ? 
_refine.pdbx_ls_sigma_F                          0.000 
_refine.pdbx_ls_sigma_Fsqd                       ? 
_refine.pdbx_data_cutoff_high_absF               ? 
_refine.pdbx_data_cutoff_high_rms_absF           ? 
_refine.pdbx_data_cutoff_low_absF                ? 
_refine.pdbx_isotropic_thermal_model             ? 
_refine.pdbx_ls_cross_valid_method               THROUGHOUT 
_refine.pdbx_method_to_determine_struct          ? 
_refine.pdbx_starting_model                      ? 
_refine.pdbx_stereochemistry_target_values       ? 
_refine.pdbx_R_Free_selection_details            RANDOM 
_refine.pdbx_stereochem_target_val_spec_case     ? 
_refine.pdbx_overall_ESU_R                       0.0470 
_refine.pdbx_overall_ESU_R_Free                  0.0450 
_refine.pdbx_solvent_vdw_probe_radii             ? 
_refine.pdbx_solvent_ion_probe_radii             ? 
_refine.pdbx_solvent_shrinkage_radii             ? 
_refine.pdbx_real_space_R                        ? 
_refine.pdbx_density_correlation                 ? 
_refine.pdbx_pd_number_of_powder_patterns        ? 
_refine.pdbx_pd_number_of_points                 ? 
_refine.pdbx_pd_meas_number_of_points            ? 
_refine.pdbx_pd_proc_ls_prof_R_factor            ? 
_refine.pdbx_pd_proc_ls_prof_wR_factor           ? 
_refine.pdbx_pd_Marquardt_correlation_coeff      ? 
_refine.pdbx_pd_Fsqrd_R_factor                   ? 
_refine.pdbx_pd_ls_matrix_band_width             ? 
_refine.pdbx_overall_phase_error                 ? 
_refine.pdbx_overall_SU_R_free_Cruickshank_DPI   ? 
_refine.pdbx_overall_SU_R_free_Blow_DPI          ? 
_refine.pdbx_overall_SU_R_Blow_DPI               ? 
_refine.pdbx_TLS_residual_ADP_flag               ? 
_refine.pdbx_diffrn_id                           1 
_refine.overall_SU_B                             2.3670 
_refine.overall_SU_ML                            0.0480 
_refine.overall_SU_R_Cruickshank_DPI             0.0475 
_refine.overall_SU_R_free                        ? 
_refine.overall_FOM_free_R_set                   ? 
_refine.overall_FOM_work_R_set                   ? 
_refine.pdbx_average_fsc_overall                 ? 
_refine.pdbx_average_fsc_work                    ? 
_refine.pdbx_average_fsc_free                    ? 
# 
_refine_hist.cycle_id                         final 
_refine_hist.pdbx_refine_id                   'X-RAY DIFFRACTION' 
_refine_hist.d_res_high                       0.9800 
_refine_hist.d_res_low                        22.7900 
_refine_hist.pdbx_number_atoms_ligand         8 
_refine_hist.number_atoms_solvent             7 
_refine_hist.number_atoms_total               70 
_refine_hist.pdbx_number_residues_total       6 
_refine_hist.pdbx_B_iso_mean_ligand           16.41 
_refine_hist.pdbx_B_iso_mean_solvent          16.11 
_refine_hist.pdbx_number_atoms_protein        55 
_refine_hist.pdbx_number_atoms_nucleic_acid   0 
# 
loop_
_refine_ls_restr.pdbx_refine_id 
_refine_ls_restr.criterion 
_refine_ls_restr.dev_ideal 
_refine_ls_restr.dev_ideal_target 
_refine_ls_restr.number 
_refine_ls_restr.rejects 
_refine_ls_restr.type 
_refine_ls_restr.weight 
_refine_ls_restr.pdbx_restraint_function 
'ELECTRON CRYSTALLOGRAPHY' ? 0.021  0.020  58  ? r_bond_refined_d       ? ? 
'ELECTRON CRYSTALLOGRAPHY' ? 0.004  0.020  46  ? r_bond_other_d         ? ? 
'ELECTRON CRYSTALLOGRAPHY' ? 1.688  1.892  77  ? r_angle_refined_deg    ? ? 
'ELECTRON CRYSTALLOGRAPHY' ? 0.957  3.000  99  ? r_angle_other_deg      ? ? 
'ELECTRON CRYSTALLOGRAPHY' ? 5.527  5.000  5   ? r_dihedral_angle_1_deg ? ? 
'ELECTRON CRYSTALLOGRAPHY' ? 60.278 28.333 6   ? r_dihedral_angle_2_deg ? ? 
'ELECTRON CRYSTALLOGRAPHY' ? 8.340  15.000 8   ? r_dihedral_angle_3_deg ? ? 
'ELECTRON CRYSTALLOGRAPHY' ? 0.124  0.200  6   ? r_chiral_restr         ? ? 
'ELECTRON CRYSTALLOGRAPHY' ? 0.005  0.020  81  ? r_gen_planes_refined   ? ? 
'ELECTRON CRYSTALLOGRAPHY' ? 0.000  0.020  19  ? r_gen_planes_other     ? ? 
'ELECTRON CRYSTALLOGRAPHY' ? 0.502  0.503  24  ? r_mcbond_it            ? ? 
'ELECTRON CRYSTALLOGRAPHY' ? 0.189  0.443  22  ? r_mcbond_other         ? ? 
'ELECTRON CRYSTALLOGRAPHY' ? 0.233  0.671  27  ? r_mcangle_it           ? ? 
'ELECTRON CRYSTALLOGRAPHY' ? 0.840  3.000  104 ? r_rigid_bond_restr     ? ? 
'ELECTRON CRYSTALLOGRAPHY' ? 6.512  5.000  1   ? r_sphericity_free      ? ? 
'ELECTRON CRYSTALLOGRAPHY' ? 4.945  5.000  112 ? r_sphericity_bonded    ? ? 
# 
_refine_ls_shell.pdbx_refine_id                   'ELECTRON CRYSTALLOGRAPHY' 
_refine_ls_shell.d_res_high                       0.9780 
_refine_ls_shell.d_res_low                        1.0040 
_refine_ls_shell.number_reflns_all                34 
_refine_ls_shell.number_reflns_obs                ? 
_refine_ls_shell.number_reflns_R_free             2 
_refine_ls_shell.number_reflns_R_work             32 
_refine_ls_shell.percent_reflns_obs               15.6000 
_refine_ls_shell.percent_reflns_R_free            ? 
_refine_ls_shell.R_factor_all                     ? 
_refine_ls_shell.R_factor_obs                     ? 
_refine_ls_shell.R_factor_R_free                  0.3250 
_refine_ls_shell.R_factor_R_free_error            ? 
_refine_ls_shell.R_factor_R_work                  0.3850 
_refine_ls_shell.redundancy_reflns_all            ? 
_refine_ls_shell.redundancy_reflns_obs            ? 
_refine_ls_shell.wR_factor_all                    ? 
_refine_ls_shell.wR_factor_obs                    ? 
_refine_ls_shell.wR_factor_R_free                 ? 
_refine_ls_shell.wR_factor_R_work                 ? 
_refine_ls_shell.pdbx_total_number_of_bins_used   20 
_refine_ls_shell.pdbx_phase_error                 ? 
_refine_ls_shell.pdbx_fsc_work                    ? 
_refine_ls_shell.pdbx_fsc_free                    ? 
# 
_struct.entry_id                     5K2F 
_struct.title                        'Structure of NNQQNY from yeast prion Sup35 with cadmium acetate determined by MicroED' 
_struct.pdbx_model_details           ? 
_struct.pdbx_formula_weight          ? 
_struct.pdbx_formula_weight_method   ? 
_struct.pdbx_model_type_details      ? 
_struct.pdbx_CASP_flag               N 
# 
_struct_keywords.entry_id        5K2F 
_struct_keywords.text            'amyloid, yeast prion, PROTEIN FIBRIL' 
_struct_keywords.pdbx_keywords   'PROTEIN FIBRIL' 
# 
loop_
_struct_asym.id 
_struct_asym.pdbx_blank_PDB_chainid_flag 
_struct_asym.pdbx_modified 
_struct_asym.entity_id 
_struct_asym.details 
A N N 1 ? 
B N N 2 ? 
C N N 3 ? 
D N N 4 ? 
# 
_struct_ref.id                         1 
_struct_ref.db_name                    UNP 
_struct_ref.db_code                    ERF3_YEAST 
_struct_ref.pdbx_db_accession          P05453 
_struct_ref.pdbx_db_isoform            ? 
_struct_ref.entity_id                  1 
_struct_ref.pdbx_seq_one_letter_code   NNQQNY 
_struct_ref.pdbx_align_begin           8 
# 
_struct_ref_seq.align_id                      1 
_struct_ref_seq.ref_id                        1 
_struct_ref_seq.pdbx_PDB_id_code              5K2F 
_struct_ref_seq.pdbx_strand_id                A 
_struct_ref_seq.seq_align_beg                 1 
_struct_ref_seq.pdbx_seq_align_beg_ins_code   ? 
_struct_ref_seq.seq_align_end                 6 
_struct_ref_seq.pdbx_seq_align_end_ins_code   ? 
_struct_ref_seq.pdbx_db_accession             P05453 
_struct_ref_seq.db_align_beg                  8 
_struct_ref_seq.pdbx_db_align_beg_ins_code    ? 
_struct_ref_seq.db_align_end                  13 
_struct_ref_seq.pdbx_db_align_end_ins_code    ? 
_struct_ref_seq.pdbx_auth_seq_align_beg       1 
_struct_ref_seq.pdbx_auth_seq_align_end       6 
# 
_pdbx_struct_assembly.id                   1 
_pdbx_struct_assembly.details              author_defined_assembly 
_pdbx_struct_assembly.method_details       ? 
_pdbx_struct_assembly.oligomeric_details   octadecameric 
_pdbx_struct_assembly.oligomeric_count     18 
# 
loop_
_pdbx_struct_assembly_gen.assembly_id 
_pdbx_struct_assembly_gen.oper_expression 
_pdbx_struct_assembly_gen.asym_id_list 
1 1  A,B,C,D 
1 2  A,B,C,D 
1 3  A,B,C,D 
1 4  A,B,C,D 
1 5  A,B,C,D 
1 6  A,B,C,D 
1 7  A,B,C,D 
1 8  A,B,C,D 
1 9  A,B,C,D 
1 10 A,B,C,D 
1 11 A,B,C,D 
1 12 A,B,C,D 
1 13 A,B,C,D 
1 14 A,B,C,D 
1 15 A,B,C,D 
1 16 A,B,C,D 
1 17 A,B,C,D 
1 18 A,B,C,D 
# 
loop_
_pdbx_struct_oper_list.id 
_pdbx_struct_oper_list.type 
_pdbx_struct_oper_list.name 
_pdbx_struct_oper_list.symmetry_operation 
_pdbx_struct_oper_list.matrix[1][1] 
_pdbx_struct_oper_list.matrix[1][2] 
_pdbx_struct_oper_list.matrix[1][3] 
_pdbx_struct_oper_list.vector[1] 
_pdbx_struct_oper_list.matrix[2][1] 
_pdbx_struct_oper_list.matrix[2][2] 
_pdbx_struct_oper_list.matrix[2][3] 
_pdbx_struct_oper_list.vector[2] 
_pdbx_struct_oper_list.matrix[3][1] 
_pdbx_struct_oper_list.matrix[3][2] 
_pdbx_struct_oper_list.matrix[3][3] 
_pdbx_struct_oper_list.vector[3] 
1  'identity operation'         1_555 x,y,z       1.0000000000 0.0000000000 0.0000000000  0.0000000000   0.0000000000 1.0000000000  0.0000000000  0.0000000000   0.0000000000  0.0000000000  1.0000000000  0.0000000000  
2  'crystal symmetry operation' 1_515 x,y-4,z     1.0000000000 0.0000000000 0.0000000000  15.5503032381  0.0000000000 1.0000000000  0.0000000000  12.1397421250  0.0000000000  0.0000000000  1.0000000000  -0.0933506298 
3  'crystal symmetry operation' 1_525 x,y-3,z     1.0000000000 0.0000000000 0.0000000000  11.6627274286  0.0000000000 1.0000000000  0.0000000000  9.1048065938   0.0000000000  0.0000000000  1.0000000000  -0.0700129724 
4  'crystal symmetry operation' 1_535 x,y-2,z     1.0000000000 0.0000000000 0.0000000000  7.7751516191   0.0000000000 1.0000000000  0.0000000000  6.0698710625   0.0000000000  0.0000000000  1.0000000000  -0.0466753149 
5  'crystal symmetry operation' 1_545 x,y-1,z     1.0000000000 0.0000000000 0.0000000000  3.8875758095   0.0000000000 1.0000000000  0.0000000000  3.0349355313   0.0000000000  0.0000000000  1.0000000000  -0.0233376575 
6  'crystal symmetry operation' 1_565 x,y+1,z     1.0000000000 0.0000000000 0.0000000000  -3.8875758095  0.0000000000 1.0000000000  0.0000000000  -3.0349355313  0.0000000000  0.0000000000  1.0000000000  0.0233376575  
7  'crystal symmetry operation' 1_575 x,y+2,z     1.0000000000 0.0000000000 0.0000000000  -7.7751516191  0.0000000000 1.0000000000  0.0000000000  -6.0698710625  0.0000000000  0.0000000000  1.0000000000  0.0466753149  
8  'crystal symmetry operation' 1_585 x,y+3,z     1.0000000000 0.0000000000 0.0000000000  -11.6627274286 0.0000000000 1.0000000000  0.0000000000  -9.1048065938  0.0000000000  0.0000000000  1.0000000000  0.0700129724  
9  'crystal symmetry operation' 1_595 x,y+4,z     1.0000000000 0.0000000000 0.0000000000  -15.5503032381 0.0000000000 1.0000000000  0.0000000000  -12.1397421250 0.0000000000  0.0000000000  1.0000000000  0.0933506298  
10 'crystal symmetry operation' 2_515 -x,y-7/2,-z 0.2426293352 0.9700903870 -0.0074596765 19.1574767816  0.9700903870 -0.2426741167 -0.0058235873 3.4772966700   -0.0074596765 -0.0058235873 -0.9999552185 -4.5707019288 
11 'crystal symmetry operation' 2_525 -x,y-5/2,-z 0.2426293352 0.9700903870 -0.0074596765 15.2699009720  0.9700903870 -0.2426741167 -0.0058235873 0.4423611387   -0.0074596765 -0.0058235873 -0.9999552185 -4.5473642713 
12 'crystal symmetry operation' 2_535 -x,y-3/2,-z 0.2426293352 0.9700903870 -0.0074596765 11.3823251625  0.9700903870 -0.2426741167 -0.0058235873 -2.5925743926  -0.0074596765 -0.0058235873 -0.9999552185 -4.5240266139 
13 'crystal symmetry operation' 2_545 -x,y-1/2,-z 0.2426293352 0.9700903870 -0.0074596765 7.4947493530   0.9700903870 -0.2426741167 -0.0058235873 -5.6275099238  -0.0074596765 -0.0058235873 -0.9999552185 -4.5006889564 
14 'crystal symmetry operation' 2_555 -x,y+1/2,-z 0.2426293352 0.9700903870 -0.0074596765 3.6071735434   0.9700903870 -0.2426741167 -0.0058235873 -8.6624454551  -0.0074596765 -0.0058235873 -0.9999552185 -4.4773512990 
15 'crystal symmetry operation' 2_565 -x,y+3/2,-z 0.2426293352 0.9700903870 -0.0074596765 -0.2804022661  0.9700903870 -0.2426741167 -0.0058235873 -11.6973809863 -0.0074596765 -0.0058235873 -0.9999552185 -4.4540136415 
16 'crystal symmetry operation' 2_575 -x,y+5/2,-z 0.2426293352 0.9700903870 -0.0074596765 -4.1679780756  0.9700903870 -0.2426741167 -0.0058235873 -14.7323165176 -0.0074596765 -0.0058235873 -0.9999552185 -4.4306759841 
17 'crystal symmetry operation' 2_585 -x,y+7/2,-z 0.2426293352 0.9700903870 -0.0074596765 -8.0555538852  0.9700903870 -0.2426741167 -0.0058235873 -17.7672520488 -0.0074596765 -0.0058235873 -0.9999552185 -4.4073383266 
18 'crystal symmetry operation' 2_595 -x,y+9/2,-z 0.2426293352 0.9700903870 -0.0074596765 -11.9431296947 0.9700903870 -0.2426741167 -0.0058235873 -20.8021875801 -0.0074596765 -0.0058235873 -0.9999552185 -4.3840006691 
# 
_struct_biol.id        1 
_struct_biol.details   
;The biological unit is an extended pair of beta sheets comprising peptides at positions X,Y,Z and -X,Y+1/2,-Z extended ad infinitum along the b crystal axis.
;
# 
loop_
_struct_conn.id 
_struct_conn.conn_type_id 
_struct_conn.pdbx_leaving_atom_flag 
_struct_conn.pdbx_PDB_id 
_struct_conn.ptnr1_label_asym_id 
_struct_conn.ptnr1_label_comp_id 
_struct_conn.ptnr1_label_seq_id 
_struct_conn.ptnr1_label_atom_id 
_struct_conn.pdbx_ptnr1_label_alt_id 
_struct_conn.pdbx_ptnr1_PDB_ins_code 
_struct_conn.pdbx_ptnr1_standard_comp_id 
_struct_conn.ptnr1_symmetry 
_struct_conn.ptnr2_label_asym_id 
_struct_conn.ptnr2_label_comp_id 
_struct_conn.ptnr2_label_seq_id 
_struct_conn.ptnr2_label_atom_id 
_struct_conn.pdbx_ptnr2_label_alt_id 
_struct_conn.pdbx_ptnr2_PDB_ins_code 
_struct_conn.ptnr1_auth_asym_id 
_struct_conn.ptnr1_auth_comp_id 
_struct_conn.ptnr1_auth_seq_id 
_struct_conn.ptnr2_auth_asym_id 
_struct_conn.ptnr2_auth_comp_id 
_struct_conn.ptnr2_auth_seq_id 
_struct_conn.ptnr2_symmetry 
_struct_conn.pdbx_ptnr3_label_atom_id 
_struct_conn.pdbx_ptnr3_label_seq_id 
_struct_conn.pdbx_ptnr3_label_comp_id 
_struct_conn.pdbx_ptnr3_label_asym_id 
_struct_conn.pdbx_ptnr3_label_alt_id 
_struct_conn.pdbx_ptnr3_PDB_ins_code 
_struct_conn.details 
_struct_conn.pdbx_dist_value 
_struct_conn.pdbx_value_order 
_struct_conn.pdbx_role 
metalc1 metalc ? ? A ASN 1 N   ? ? ? 1_555 B CD  . CD  ? ? A ASN 1   A CD  101 1_455 ? ? ? ? ? ? ? 2.363 ? ? 
metalc2 metalc ? ? A TYR 6 O   ? ? ? 1_555 B CD  . CD  ? ? A TYR 6   A CD  101 1_555 ? ? ? ? ? ? ? 2.470 ? ? 
metalc3 metalc ? ? A TYR 6 OXT ? ? ? 1_555 B CD  . CD  ? ? A TYR 6   A CD  101 1_555 ? ? ? ? ? ? ? 2.483 ? ? 
metalc4 metalc ? ? B CD  . CD  ? ? ? 1_555 C ACT . OXT ? ? A CD  101 A ACT 102 1_555 ? ? ? ? ? ? ? 2.234 ? ? 
metalc5 metalc ? ? B CD  . CD  ? ? ? 1_555 C ACT . O   ? ? A CD  101 A ACT 102 1_565 ? ? ? ? ? ? ? 2.121 ? ? 
metalc6 metalc ? ? B CD  . CD  ? ? ? 1_555 D HOH . O   ? ? A CD  101 A HOH 201 1_555 ? ? ? ? ? ? ? 2.633 ? ? 
# 
_struct_conn_type.id          metalc 
_struct_conn_type.criteria    ? 
_struct_conn_type.reference   ? 
# 
loop_
_pdbx_struct_conn_angle.id 
_pdbx_struct_conn_angle.ptnr1_label_atom_id 
_pdbx_struct_conn_angle.ptnr1_label_alt_id 
_pdbx_struct_conn_angle.ptnr1_label_asym_id 
_pdbx_struct_conn_angle.ptnr1_label_comp_id 
_pdbx_struct_conn_angle.ptnr1_label_seq_id 
_pdbx_struct_conn_angle.ptnr1_auth_atom_id 
_pdbx_struct_conn_angle.ptnr1_auth_asym_id 
_pdbx_struct_conn_angle.ptnr1_auth_comp_id 
_pdbx_struct_conn_angle.ptnr1_auth_seq_id 
_pdbx_struct_conn_angle.ptnr1_PDB_ins_code 
_pdbx_struct_conn_angle.ptnr1_symmetry 
_pdbx_struct_conn_angle.ptnr2_label_atom_id 
_pdbx_struct_conn_angle.ptnr2_label_alt_id 
_pdbx_struct_conn_angle.ptnr2_label_asym_id 
_pdbx_struct_conn_angle.ptnr2_label_comp_id 
_pdbx_struct_conn_angle.ptnr2_label_seq_id 
_pdbx_struct_conn_angle.ptnr2_auth_atom_id 
_pdbx_struct_conn_angle.ptnr2_auth_asym_id 
_pdbx_struct_conn_angle.ptnr2_auth_comp_id 
_pdbx_struct_conn_angle.ptnr2_auth_seq_id 
_pdbx_struct_conn_angle.ptnr2_PDB_ins_code 
_pdbx_struct_conn_angle.ptnr2_symmetry 
_pdbx_struct_conn_angle.ptnr3_label_atom_id 
_pdbx_struct_conn_angle.ptnr3_label_alt_id 
_pdbx_struct_conn_angle.ptnr3_label_asym_id 
_pdbx_struct_conn_angle.ptnr3_label_comp_id 
_pdbx_struct_conn_angle.ptnr3_label_seq_id 
_pdbx_struct_conn_angle.ptnr3_auth_atom_id 
_pdbx_struct_conn_angle.ptnr3_auth_asym_id 
_pdbx_struct_conn_angle.ptnr3_auth_comp_id 
_pdbx_struct_conn_angle.ptnr3_auth_seq_id 
_pdbx_struct_conn_angle.ptnr3_PDB_ins_code 
_pdbx_struct_conn_angle.ptnr3_symmetry 
_pdbx_struct_conn_angle.value 
_pdbx_struct_conn_angle.value_esd 
1  N   ? A ASN 1 ? A ASN 1   ? 1_555 CD ? B CD . ? A CD 101 ? 1_455 O   ? A TYR 6 ? A TYR 6   ? 1_555 78.5 ? 
2  N   ? A ASN 1 ? A ASN 1   ? 1_555 CD ? B CD . ? A CD 101 ? 1_455 OXT ? A TYR 6 ? A TYR 6   ? 1_555 84.0 ? 
3  O   ? A TYR 6 ? A TYR 6   ? 1_555 CD ? B CD . ? A CD 101 ? 1_455 OXT ? A TYR 6 ? A TYR 6   ? 1_555 5.8  ? 
4  N   ? A ASN 1 ? A ASN 1   ? 1_555 CD ? B CD . ? A CD 101 ? 1_455 OXT ? C ACT . ? A ACT 102 ? 1_555 81.5 ? 
5  O   ? A TYR 6 ? A TYR 6   ? 1_555 CD ? B CD . ? A CD 101 ? 1_455 OXT ? C ACT . ? A ACT 102 ? 1_555 3.0  ? 
6  OXT ? A TYR 6 ? A TYR 6   ? 1_555 CD ? B CD . ? A CD 101 ? 1_455 OXT ? C ACT . ? A ACT 102 ? 1_555 3.2  ? 
7  N   ? A ASN 1 ? A ASN 1   ? 1_555 CD ? B CD . ? A CD 101 ? 1_455 O   ? C ACT . ? A ACT 102 ? 1_565 80.7 ? 
8  O   ? A TYR 6 ? A TYR 6   ? 1_555 CD ? B CD . ? A CD 101 ? 1_455 O   ? C ACT . ? A ACT 102 ? 1_565 8.2  ? 
9  OXT ? A TYR 6 ? A TYR 6   ? 1_555 CD ? B CD . ? A CD 101 ? 1_455 O   ? C ACT . ? A ACT 102 ? 1_565 6.9  ? 
10 OXT ? C ACT . ? A ACT 102 ? 1_555 CD ? B CD . ? A CD 101 ? 1_455 O   ? C ACT . ? A ACT 102 ? 1_565 8.1  ? 
11 N   ? A ASN 1 ? A ASN 1   ? 1_555 CD ? B CD . ? A CD 101 ? 1_455 O   ? D HOH . ? A HOH 201 ? 1_555 76.5 ? 
12 O   ? A TYR 6 ? A TYR 6   ? 1_555 CD ? B CD . ? A CD 101 ? 1_455 O   ? D HOH . ? A HOH 201 ? 1_555 8.0  ? 
13 OXT ? A TYR 6 ? A TYR 6   ? 1_555 CD ? B CD . ? A CD 101 ? 1_455 O   ? D HOH . ? A HOH 201 ? 1_555 9.5  ? 
14 OXT ? C ACT . ? A ACT 102 ? 1_555 CD ? B CD . ? A CD 101 ? 1_455 O   ? D HOH . ? A HOH 201 ? 1_555 9.3  ? 
15 O   ? C ACT . ? A ACT 102 ? 1_565 CD ? B CD . ? A CD 101 ? 1_455 O   ? D HOH . ? A HOH 201 ? 1_555 4.2  ? 
# 
loop_
_struct_site.id 
_struct_site.pdbx_evidence_code 
_struct_site.pdbx_auth_asym_id 
_struct_site.pdbx_auth_comp_id 
_struct_site.pdbx_auth_seq_id 
_struct_site.pdbx_auth_ins_code 
_struct_site.pdbx_num_residues 
_struct_site.details 
AC1 Software A CD  101 ? 3 'binding site for residue CD A 101'  
AC2 Software A ACT 102 ? 2 'binding site for residue ACT A 102' 
# 
loop_
_struct_site_gen.id 
_struct_site_gen.site_id 
_struct_site_gen.pdbx_num_res 
_struct_site_gen.label_comp_id 
_struct_site_gen.label_asym_id 
_struct_site_gen.label_seq_id 
_struct_site_gen.pdbx_auth_ins_code 
_struct_site_gen.auth_comp_id 
_struct_site_gen.auth_asym_id 
_struct_site_gen.auth_seq_id 
_struct_site_gen.label_atom_id 
_struct_site_gen.label_alt_id 
_struct_site_gen.symmetry 
_struct_site_gen.details 
1 AC1 3 TYR A 6 ? TYR A 6   . ? 1_555 ? 
2 AC1 3 ACT C . ? ACT A 102 . ? 1_555 ? 
3 AC1 3 HOH D . ? HOH A 201 . ? 1_555 ? 
4 AC2 2 TYR A 6 ? TYR A 6   . ? 1_555 ? 
5 AC2 2 CD  B . ? CD  A 101 . ? 1_555 ? 
# 
_em_3d_fitting.entry_id          5K2F 
_em_3d_fitting.id                1 
_em_3d_fitting.details           ? 
_em_3d_fitting.overall_b_value   6.44 
_em_3d_fitting.ref_protocol      OTHER 
_em_3d_fitting.ref_space         RECIPROCAL 
_em_3d_fitting.target_criteria   'maximum likelihood' 
_em_3d_fitting.method            ? 
# 
_em_3d_reconstruction.entry_id                    5K2F 
_em_3d_reconstruction.id                          1 
_em_3d_reconstruction.algorithm                   ? 
_em_3d_reconstruction.details                     
;The density map was obtained using measured diffraction intensities and phases acquired from crystallographic direct methods program SHELXD.
;
_em_3d_reconstruction.image_processing_id         1 
_em_3d_reconstruction.num_class_averages          ? 
_em_3d_reconstruction.num_particles               ? 
_em_3d_reconstruction.resolution                  ? 
_em_3d_reconstruction.resolution_method           'DIFFRACTION PATTERN/LAYERLINES' 
_em_3d_reconstruction.symmetry_type               '3D CRYSTAL' 
_em_3d_reconstruction.method                      ? 
_em_3d_reconstruction.nominal_pixel_size          ? 
_em_3d_reconstruction.actual_pixel_size           ? 
_em_3d_reconstruction.magnification_calibration   ? 
_em_3d_reconstruction.citation_id                 ? 
_em_3d_reconstruction.euler_angles_details        ? 
# 
_em_buffer.id            1 
_em_buffer.details       ? 
_em_buffer.pH            7 
_em_buffer.specimen_id   1 
_em_buffer.name          ? 
# 
_em_entity_assembly.id                   1 
_em_entity_assembly.parent_id            0 
_em_entity_assembly.details              ? 
_em_entity_assembly.name                 'Prion fibril composed of a 6-residue segment of Sup35 and cadmium' 
_em_entity_assembly.source               'MULTIPLE SOURCES' 
_em_entity_assembly.type                 COMPLEX 
_em_entity_assembly.entity_id_list       1 
_em_entity_assembly.synonym              ? 
_em_entity_assembly.oligomeric_details   ? 
# 
_em_image_scans.entry_id                5K2F 
_em_image_scans.id                      1 
_em_image_scans.dimension_height        4096 
_em_image_scans.dimension_width         4096 
_em_image_scans.frames_per_image        ? 
_em_image_scans.image_recording_id      1 
_em_image_scans.sampling_size           15.6 
_em_image_scans.scanner_model           ? 
_em_image_scans.used_frames_per_image   ? 
_em_image_scans.number_digital_images   ? 
_em_image_scans.details                 ? 
_em_image_scans.od_range                ? 
_em_image_scans.quant_bit_size          ? 
_em_image_scans.citation_id             ? 
# 
_em_imaging.id                              1 
_em_imaging.entry_id                        5K2F 
_em_imaging.accelerating_voltage            200 
_em_imaging.alignment_procedure             BASIC 
_em_imaging.c2_aperture_diameter            ? 
_em_imaging.calibrated_defocus_max          ? 
_em_imaging.calibrated_defocus_min          ? 
_em_imaging.calibrated_magnification        ? 
_em_imaging.cryogen                         NITROGEN 
_em_imaging.details                         ? 
_em_imaging.electron_source                 'FIELD EMISSION GUN' 
_em_imaging.illumination_mode               'FLOOD BEAM' 
_em_imaging.microscope_model                'FEI TECNAI F20' 
_em_imaging.mode                            DIFFRACTION 
_em_imaging.nominal_cs                      ? 
_em_imaging.nominal_defocus_max             ? 
_em_imaging.nominal_defocus_min             ? 
_em_imaging.nominal_magnification           ? 
_em_imaging.recording_temperature_maximum   100 
_em_imaging.recording_temperature_minimum   100 
_em_imaging.residual_tilt                   ? 
_em_imaging.specimen_holder_model           'GATAN 626 SINGLE TILT LIQUID NITROGEN CRYO TRANSFER HOLDER' 
_em_imaging.specimen_id                     1 
_em_imaging.date                            ? 
_em_imaging.temperature                     ? 
_em_imaging.tilt_angle_min                  ? 
_em_imaging.tilt_angle_max                  ? 
_em_imaging.specimen_holder_type            ? 
_em_imaging.astigmatism                     ? 
_em_imaging.electron_beam_tilt_params       ? 
_em_imaging.citation_id                     ? 
_em_imaging.detector_distance               ? 
# 
_em_sample_support.id               1 
_em_sample_support.specimen_id      1 
_em_sample_support.details          ? 
_em_sample_support.grid_material    COPPER 
_em_sample_support.grid_mesh_size   300 
_em_sample_support.grid_type        'Quantifoil R2/2' 
_em_sample_support.method           ? 
_em_sample_support.film_material    ? 
_em_sample_support.citation_id      ? 
# 
_em_vitrification.id                    1 
_em_vitrification.specimen_id           1 
_em_vitrification.chamber_temperature   ? 
_em_vitrification.cryogen_name          ETHANE 
_em_vitrification.details               'Plunged into liquid ethane (FEI VITROBOT MARK IV)' 
_em_vitrification.humidity              ? 
_em_vitrification.instrument            'FEI VITROBOT MARK IV' 
_em_vitrification.entry_id              5K2F 
_em_vitrification.temp                  ? 
_em_vitrification.method                ? 
_em_vitrification.time_resolved_state   ? 
_em_vitrification.citation_id           ? 
# 
_em_experiment.entry_id                5K2F 
_em_experiment.id                      1 
_em_experiment.aggregation_state       '3D ARRAY' 
_em_experiment.reconstruction_method   CRYSTALLOGRAPHY 
_em_experiment.entity_assembly_id      1 
# 
loop_
_chem_comp_atom.comp_id 
_chem_comp_atom.atom_id 
_chem_comp_atom.type_symbol 
_chem_comp_atom.pdbx_aromatic_flag 
_chem_comp_atom.pdbx_stereo_config 
_chem_comp_atom.pdbx_ordinal 
ACT C    C  N N 1  
ACT O    O  N N 2  
ACT OXT  O  N N 3  
ACT CH3  C  N N 4  
ACT H1   H  N N 5  
ACT H2   H  N N 6  
ACT H3   H  N N 7  
ASN N    N  N N 8  
ASN CA   C  N S 9  
ASN C    C  N N 10 
ASN O    O  N N 11 
ASN CB   C  N N 12 
ASN CG   C  N N 13 
ASN OD1  O  N N 14 
ASN ND2  N  N N 15 
ASN OXT  O  N N 16 
ASN H    H  N N 17 
ASN H2   H  N N 18 
ASN HA   H  N N 19 
ASN HB2  H  N N 20 
ASN HB3  H  N N 21 
ASN HD21 H  N N 22 
ASN HD22 H  N N 23 
ASN HXT  H  N N 24 
CD  CD   CD N N 25 
GLN N    N  N N 26 
GLN CA   C  N S 27 
GLN C    C  N N 28 
GLN O    O  N N 29 
GLN CB   C  N N 30 
GLN CG   C  N N 31 
GLN CD   C  N N 32 
GLN OE1  O  N N 33 
GLN NE2  N  N N 34 
GLN OXT  O  N N 35 
GLN H    H  N N 36 
GLN H2   H  N N 37 
GLN HA   H  N N 38 
GLN HB2  H  N N 39 
GLN HB3  H  N N 40 
GLN HG2  H  N N 41 
GLN HG3  H  N N 42 
GLN HE21 H  N N 43 
GLN HE22 H  N N 44 
GLN HXT  H  N N 45 
HOH O    O  N N 46 
HOH H1   H  N N 47 
HOH H2   H  N N 48 
TYR N    N  N N 49 
TYR CA   C  N S 50 
TYR C    C  N N 51 
TYR O    O  N N 52 
TYR CB   C  N N 53 
TYR CG   C  Y N 54 
TYR CD1  C  Y N 55 
TYR CD2  C  Y N 56 
TYR CE1  C  Y N 57 
TYR CE2  C  Y N 58 
TYR CZ   C  Y N 59 
TYR OH   O  N N 60 
TYR OXT  O  N N 61 
TYR H    H  N N 62 
TYR H2   H  N N 63 
TYR HA   H  N N 64 
TYR HB2  H  N N 65 
TYR HB3  H  N N 66 
TYR HD1  H  N N 67 
TYR HD2  H  N N 68 
TYR HE1  H  N N 69 
TYR HE2  H  N N 70 
TYR HH   H  N N 71 
TYR HXT  H  N N 72 
# 
loop_
_chem_comp_bond.comp_id 
_chem_comp_bond.atom_id_1 
_chem_comp_bond.atom_id_2 
_chem_comp_bond.value_order 
_chem_comp_bond.pdbx_aromatic_flag 
_chem_comp_bond.pdbx_stereo_config 
_chem_comp_bond.pdbx_ordinal 
ACT C   O    doub N N 1  
ACT C   OXT  sing N N 2  
ACT C   CH3  sing N N 3  
ACT CH3 H1   sing N N 4  
ACT CH3 H2   sing N N 5  
ACT CH3 H3   sing N N 6  
ASN N   CA   sing N N 7  
ASN N   H    sing N N 8  
ASN N   H2   sing N N 9  
ASN CA  C    sing N N 10 
ASN CA  CB   sing N N 11 
ASN CA  HA   sing N N 12 
ASN C   O    doub N N 13 
ASN C   OXT  sing N N 14 
ASN CB  CG   sing N N 15 
ASN CB  HB2  sing N N 16 
ASN CB  HB3  sing N N 17 
ASN CG  OD1  doub N N 18 
ASN CG  ND2  sing N N 19 
ASN ND2 HD21 sing N N 20 
ASN ND2 HD22 sing N N 21 
ASN OXT HXT  sing N N 22 
GLN N   CA   sing N N 23 
GLN N   H    sing N N 24 
GLN N   H2   sing N N 25 
GLN CA  C    sing N N 26 
GLN CA  CB   sing N N 27 
GLN CA  HA   sing N N 28 
GLN C   O    doub N N 29 
GLN C   OXT  sing N N 30 
GLN CB  CG   sing N N 31 
GLN CB  HB2  sing N N 32 
GLN CB  HB3  sing N N 33 
GLN CG  CD   sing N N 34 
GLN CG  HG2  sing N N 35 
GLN CG  HG3  sing N N 36 
GLN CD  OE1  doub N N 37 
GLN CD  NE2  sing N N 38 
GLN NE2 HE21 sing N N 39 
GLN NE2 HE22 sing N N 40 
GLN OXT HXT  sing N N 41 
HOH O   H1   sing N N 42 
HOH O   H2   sing N N 43 
TYR N   CA   sing N N 44 
TYR N   H    sing N N 45 
TYR N   H2   sing N N 46 
TYR CA  C    sing N N 47 
TYR CA  CB   sing N N 48 
TYR CA  HA   sing N N 49 
TYR C   O    doub N N 50 
TYR C   OXT  sing N N 51 
TYR CB  CG   sing N N 52 
TYR CB  HB2  sing N N 53 
TYR CB  HB3  sing N N 54 
TYR CG  CD1  doub Y N 55 
TYR CG  CD2  sing Y N 56 
TYR CD1 CE1  sing Y N 57 
TYR CD1 HD1  sing N N 58 
TYR CD2 CE2  doub Y N 59 
TYR CD2 HD2  sing N N 60 
TYR CE1 CZ   doub Y N 61 
TYR CE1 HE1  sing N N 62 
TYR CE2 CZ   sing Y N 63 
TYR CE2 HE2  sing N N 64 
TYR CZ  OH   sing N N 65 
TYR OH  HH   sing N N 66 
TYR OXT HXT  sing N N 67 
# 
_em_3d_crystal_entity.id                    1 
_em_3d_crystal_entity.image_processing_id   1 
_em_3d_crystal_entity.angle_alpha           90 
_em_3d_crystal_entity.angle_beta            104.29 
_em_3d_crystal_entity.angle_gamma           90 
_em_3d_crystal_entity.length_a              22.074 
_em_3d_crystal_entity.length_b              4.932 
_em_3d_crystal_entity.length_c              23.51 
_em_3d_crystal_entity.space_group_name      'P 1 21 1' 
_em_3d_crystal_entity.space_group_num       4 
# 
loop_
_em_buffer_component.buffer_id 
_em_buffer_component.id 
_em_buffer_component.concentration 
_em_buffer_component.concentration_units 
_em_buffer_component.formula 
_em_buffer_component.name 
1 1 0.1  M C8H18N2O4S HEPES            
1 2 1.0  M NaC2H3O2   'sodium acetate' 
1 3 0.01 M ZnSO4      'zinc sulfate'   
# 
_em_crystal_formation.id                    1 
_em_crystal_formation.specimen_id           1 
_em_crystal_formation.atmosphere            'in air, in sealed chamber, in equilibrium with reservoir solution' 
_em_crystal_formation.details               
;Crystals were grown by hanging-drop vapor diffusion at ~20 degrees C. The reservoir solution contained 100 mM HEPES, pH 7.0, and 1 M sodium acetate (pH not adjusted). Drops were prepared by pipetting 5 microliters of 30 mg/mL aqueous peptide solution, 4 microliters of reservoir solution, and 1 microliter of 0.1 M zinc sulfate onto a glass coverslip. Crystals grew within a day.
;
_em_crystal_formation.instrument            '24-well plate' 
_em_crystal_formation.lipid_mixture         none 
_em_crystal_formation.lipid_protein_ratio   ? 
_em_crystal_formation.temperature           298 
_em_crystal_formation.time                  1 
_em_crystal_formation.time_unit             DAY 
# 
_em_ctf_correction.id                       1 
_em_ctf_correction.em_image_processing_id   1 
_em_ctf_correction.type                     NONE 
_em_ctf_correction.details                  ? 
# 
_em_diffraction.id                1 
_em_diffraction.camera_length     1350 
_em_diffraction.imaging_id        1 
_em_diffraction.tilt_angle_list   ? 
# 
loop_
_em_diffraction_shell.id 
_em_diffraction_shell.em_diffraction_stats_id 
_em_diffraction_shell.fourier_space_coverage 
_em_diffraction_shell.high_resolution 
_em_diffraction_shell.low_resolution 
_em_diffraction_shell.multiplicity 
_em_diffraction_shell.num_structure_factors 
_em_diffraction_shell.phase_residual 
1 1 89.5 1.71 90   5.0 591 0.1 
2 1 92.6 1.36 1.71 4.9 578 0.1 
3 1 89.4 1.19 1.36 4.7 534 0.1 
4 1 82.4 1.08 1.19 4.7 496 0.1 
5 1 66.0 1.00 1.08 3.3 365 0.1 
# 
_em_diffraction_stats.id                               1 
_em_diffraction_stats.details                          
;Phase statistics are not applicable. No imaging was used. The phases were obtained by a crystallographic direct methods program, SHELXD.
;
_em_diffraction_stats.image_processing_id              1 
_em_diffraction_stats.fourier_space_coverage           82.7 
_em_diffraction_stats.high_resolution                  1.00 
_em_diffraction_stats.num_intensities_measured         16753 
_em_diffraction_stats.num_structure_factors            2399 
_em_diffraction_stats.overall_phase_error              0.1 
_em_diffraction_stats.overall_phase_residual           0.1 
_em_diffraction_stats.phase_error_rejection_criteria   0 
_em_diffraction_stats.r_merge                          15.1 
_em_diffraction_stats.r_sym                            15.1 
# 
_em_entity_assembly_molwt.entity_assembly_id   1 
_em_entity_assembly_molwt.id                   1 
_em_entity_assembly_molwt.experimental_flag    NO 
_em_entity_assembly_molwt.units                KILODALTONS/NANOMETER 
_em_entity_assembly_molwt.value                3.25 
# 
_em_entity_assembly_naturalsource.id                   1 
_em_entity_assembly_naturalsource.entity_assembly_id   1 
_em_entity_assembly_naturalsource.cell                 ? 
_em_entity_assembly_naturalsource.cellular_location    ? 
_em_entity_assembly_naturalsource.ncbi_tax_id          4932 
_em_entity_assembly_naturalsource.organ                . 
_em_entity_assembly_naturalsource.organelle            ? 
_em_entity_assembly_naturalsource.organism             'Saccharomyces cerevisiae' 
_em_entity_assembly_naturalsource.strain               ? 
_em_entity_assembly_naturalsource.tissue               . 
# 
_em_image_processing.id                   1 
_em_image_processing.image_recording_id   1 
_em_image_processing.details              ? 
# 
_em_image_recording.id                            1 
_em_image_recording.imaging_id                    1 
_em_image_recording.avg_electron_dose_per_image   0.01 
_em_image_recording.average_exposure_time         2 
_em_image_recording.details                       'The detector was operated in rolling shutter mode with 2x2 pixel binning.' 
_em_image_recording.detector_mode                 ? 
_em_image_recording.film_or_detector_model        'TVIPS TEMCAM-F416 (4k x 4k)' 
_em_image_recording.num_diffraction_images        650 
_em_image_recording.num_grids_imaged              2 
_em_image_recording.num_real_images               ? 
# 
_em_imaging_optics.id                         1 
_em_imaging_optics.imaging_id                 1 
_em_imaging_optics.chr_aberration_corrector   ? 
_em_imaging_optics.energyfilter_lower         ? 
_em_imaging_optics.energyfilter_name          none 
_em_imaging_optics.energyfilter_upper         ? 
_em_imaging_optics.phase_plate                ? 
_em_imaging_optics.sph_aberration_corrector   ? 
# 
loop_
_em_software.id 
_em_software.category 
_em_software.details 
_em_software.name 
_em_software.version 
_em_software.image_processing_id 
_em_software.fitting_id 
_em_software.imaging_id 
1  'IMAGE ACQUISITION'       ?                EM-Menu   1        ? ? 1 
2  MASKING                   ?                ?         ?        ? ? ? 
3  'CTF CORRECTION'          ?                ?         ?        1 ? ? 
4  'LAYERLINE INDEXING'      ?                ?         ?        ? ? ? 
5  'DIFFRACTION INDEXING'    ?                Denzo     1.98.7   ? ? ? 
6  'MODEL FITTING'           ?                Coot      0.8.2    ? 1 ? 
7  OTHER                     phasing          SHELXD    2013/2   ? ? ? 
8  'MODEL REFINEMENT'        ?                refmac5   5.8.0135 ? 1 ? 
9  'MOLECULAR REPLACEMENT'   ?                ?         ?        1 ? ? 
10 'SYMMETRY DETERMINATION'  ?                ?         ?        1 ? ? 
11 'CRYSTALLOGRAPHY MERGING' ?                SCALEPACK 1.98.7   1 ? ? 
12 RECONSTRUCTION            'direct methods' SHELXD    2013/2   1 ? ? 
# 
_em_specimen.id                      1 
_em_specimen.experiment_id           1 
_em_specimen.concentration           30 
_em_specimen.details                 crystal 
_em_specimen.embedding_applied       NO 
_em_specimen.shadowing_applied       NO 
_em_specimen.staining_applied        NO 
_em_specimen.vitrification_applied   YES 
# 
loop_
_pdbx_audit_support.funding_organization 
_pdbx_audit_support.country 
_pdbx_audit_support.grant_number 
_pdbx_audit_support.ordinal 
'National Science Foundation (NSF, United States)'                    'United States' MCB-0445429   1 
'National Institutes of Health/National Institute on Aging (NIH/NIA)' 'United States' 1R01-AG029430 2 
;Alzheimer's Disease Reasearch Center
;
'United States' ?             3 
'Howard Hughes Medical Institute (HHMI)'                              'United States' ?             4 
'Giannini Foundation'                                                 'United States' ?             5 
# 
_atom_sites.entry_id                    5K2F 
_atom_sites.fract_transf_matrix[1][1]   -0.02562855 
_atom_sites.fract_transf_matrix[1][2]   0.03266346 
_atom_sites.fract_transf_matrix[1][3]   -0.02148602 
_atom_sites.fract_transf_matrix[2][1]   -0.15982020 
_atom_sites.fract_transf_matrix[2][2]   -0.12476773 
_atom_sites.fract_transf_matrix[2][3]   0.00095942 
_atom_sites.fract_transf_matrix[3][1]   -0.01782810 
_atom_sites.fract_transf_matrix[3][2]   0.02308896 
_atom_sites.fract_transf_matrix[3][3]   0.03279717 
_atom_sites.fract_transf_vector[1]      0.139596 
_atom_sites.fract_transf_vector[2]      0.441740 
_atom_sites.fract_transf_vector[3]      0.205580 
# 
loop_
_atom_type.symbol 
C  
CD 
H  
N  
O  
# 
loop_
_atom_site.group_PDB 
_atom_site.id 
_atom_site.type_symbol 
_atom_site.label_atom_id 
_atom_site.label_alt_id 
_atom_site.label_comp_id 
_atom_site.label_asym_id 
_atom_site.label_entity_id 
_atom_site.label_seq_id 
_atom_site.pdbx_PDB_ins_code 
_atom_site.Cartn_x 
_atom_site.Cartn_y 
_atom_site.Cartn_z 
_atom_site.occupancy 
_atom_site.B_iso_or_equiv 
_atom_site.pdbx_formal_charge 
_atom_site.auth_seq_id 
_atom_site.auth_comp_id 
_atom_site.auth_asym_id 
_atom_site.auth_atom_id 
_atom_site.pdbx_PDB_model_num 
ATOM   1   N  N    . ASN A 1 1 ? 4.472  -6.854 5.482  1.00 4.59  ? 1   ASN A N    1 
ATOM   2   C  CA   . ASN A 1 1 ? 4.755  -5.763 4.471  1.00 4.43  ? 1   ASN A CA   1 
ATOM   3   C  C    . ASN A 1 1 ? 3.461  -5.017 4.061  1.00 4.24  ? 1   ASN A C    1 
ATOM   4   O  O    . ASN A 1 1 ? 2.388  -5.649 4.053  1.00 4.34  ? 1   ASN A O    1 
ATOM   5   C  CB   . ASN A 1 1 ? 5.388  -6.377 3.227  1.00 4.55  ? 1   ASN A CB   1 
ATOM   6   C  CG   . ASN A 1 1 ? 6.653  -7.179 3.553  1.00 4.69  ? 1   ASN A CG   1 
ATOM   7   O  OD1  . ASN A 1 1 ? 7.646  -6.613 4.024  1.00 4.91  ? 1   ASN A OD1  1 
ATOM   8   N  ND2  . ASN A 1 1 ? 6.608  -8.508 3.357  1.00 4.61  ? 1   ASN A ND2  1 
ATOM   9   H  H    . ASN A 1 1 ? 3.966  -7.604 5.034  1.00 4.55  ? 1   ASN A H    1 
ATOM   10  H  HA   . ASN A 1 1 ? 5.382  -5.115 4.853  1.00 4.43  ? 1   ASN A HA   1 
ATOM   11  H  HB2  . ASN A 1 1 ? 4.747  -6.970 2.804  1.00 4.55  ? 1   ASN A HB2  1 
ATOM   12  H  HB3  . ASN A 1 1 ? 5.634  -5.663 2.619  1.00 4.54  ? 1   ASN A HB3  1 
ATOM   13  H  HD21 . ASN A 1 1 ? 7.416  -8.988 3.080  1.00 4.60  ? 1   ASN A HD21 1 
ATOM   14  H  HD22 . ASN A 1 1 ? 5.770  -8.997 3.494  1.00 4.65  ? 1   ASN A HD22 1 
ATOM   15  N  N    . ASN A 1 2 ? 3.574  -3.730 3.680  1.00 4.18  ? 2   ASN A N    1 
ATOM   16  C  CA   . ASN A 1 2 ? 2.427  -2.840 3.323  1.00 4.19  ? 2   ASN A CA   1 
ATOM   17  C  C    . ASN A 1 2 ? 2.573  -2.105 1.951  1.00 3.91  ? 2   ASN A C    1 
ATOM   18  O  O    . ASN A 1 2 ? 3.607  -1.465 1.697  1.00 3.84  ? 2   ASN A O    1 
ATOM   19  C  CB   . ASN A 1 2 ? 2.266  -1.779 4.428  1.00 4.60  ? 2   ASN A CB   1 
ATOM   20  C  CG   . ASN A 1 2 ? 1.063  -0.832 4.226  1.00 5.15  ? 2   ASN A CG   1 
ATOM   21  O  OD1  . ASN A 1 2 ? -0.087 -1.269 4.223  1.00 5.78  ? 2   ASN A OD1  1 
ATOM   22  N  ND2  . ASN A 1 2 ? 1.336  0.468  4.070  1.00 5.47  ? 2   ASN A ND2  1 
ATOM   23  H  H    . ASN A 1 2 ? 4.464  -3.258 3.607  1.00 4.17  ? 2   ASN A H    1 
ATOM   24  H  HA   . ASN A 1 2 ? 1.598  -3.362 3.296  1.00 4.18  ? 2   ASN A HA   1 
ATOM   25  H  HB2  . ASN A 1 2 ? 2.146  -2.231 5.278  1.00 4.60  ? 2   ASN A HB2  1 
ATOM   26  H  HB3  . ASN A 1 2 ? 3.072  -1.237 4.458  1.00 4.63  ? 2   ASN A HB3  1 
ATOM   27  H  HD21 . ASN A 1 2 ? 0.772  1.143  4.502  1.00 5.31  ? 2   ASN A HD21 1 
ATOM   28  H  HD22 . ASN A 1 2 ? 2.100  0.745  3.522  1.00 5.38  ? 2   ASN A HD22 1 
ATOM   29  N  N    . GLN A 1 3 ? 1.544  -2.164 1.092  1.00 3.81  ? 3   GLN A N    1 
ATOM   30  C  CA   . GLN A 1 3 ? 1.439  -1.362 -0.188 1.00 3.61  ? 3   GLN A CA   1 
ATOM   31  C  C    . GLN A 1 3 ? 0.018  -0.705 -0.244 1.00 3.76  ? 3   GLN A C    1 
ATOM   32  O  O    . GLN A 1 3 ? -0.989 -1.428 -0.192 1.00 3.95  ? 3   GLN A O    1 
ATOM   33  C  CB   . GLN A 1 3 ? 1.704  -2.156 -1.491 1.00 3.56  ? 3   GLN A CB   1 
ATOM   34  C  CG   . GLN A 1 3 ? 1.710  -1.289 -2.761 1.00 3.52  ? 3   GLN A CG   1 
ATOM   35  C  CD   . GLN A 1 3 ? 1.622  -2.110 -4.055 1.00 3.49  ? 3   GLN A CD   1 
ATOM   36  O  OE1  . GLN A 1 3 ? 0.619  -2.811 -4.264 1.00 3.85  ? 3   GLN A OE1  1 
ATOM   37  N  NE2  . GLN A 1 3 ? 2.633  -2.032 -4.932 1.00 3.54  ? 3   GLN A NE2  1 
ATOM   38  H  H    . GLN A 1 3 ? 0.762  -2.744 1.233  1.00 3.77  ? 3   GLN A H    1 
ATOM   39  H  HA   . GLN A 1 3 ? 2.096  -0.641 -0.163 1.00 3.65  ? 3   GLN A HA   1 
ATOM   40  H  HB2  . GLN A 1 3 ? 2.573  -2.587 -1.424 1.00 3.49  ? 3   GLN A HB2  1 
ATOM   41  H  HB3  . GLN A 1 3 ? 1.014  -2.828 -1.593 1.00 3.54  ? 3   GLN A HB3  1 
ATOM   42  H  HG2  . GLN A 1 3 ? 0.943  -0.699 -2.753 1.00 3.46  ? 3   GLN A HG2  1 
ATOM   43  H  HG3  . GLN A 1 3 ? 2.524  -0.763 -2.781 1.00 3.48  ? 3   GLN A HG3  1 
ATOM   44  H  HE21 . GLN A 1 3 ? 2.688  -2.596 -5.574 1.00 3.49  ? 3   GLN A HE21 1 
ATOM   45  H  HE22 . GLN A 1 3 ? 3.229  -1.419 -4.853 1.00 3.47  ? 3   GLN A HE22 1 
ATOM   46  N  N    . GLN A 1 4 ? -0.069 0.631  -0.304 1.00 4.00  ? 4   GLN A N    1 
ATOM   47  C  CA   . GLN A 1 4 ? -1.346 1.383  -0.393 1.00 4.36  ? 4   GLN A CA   1 
ATOM   48  C  C    . GLN A 1 4 ? -1.353 2.264  -1.672 1.00 4.45  ? 4   GLN A C    1 
ATOM   49  O  O    . GLN A 1 4 ? -0.450 3.101  -1.845 1.00 4.85  ? 4   GLN A O    1 
ATOM   50  C  CB   . GLN A 1 4 ? -1.607 2.195  0.909  1.00 4.94  ? 4   GLN A CB   1 
ATOM   51  C  CG   . GLN A 1 4 ? -1.960 1.364  2.149  1.00 5.36  ? 4   GLN A CG   1 
ATOM   52  C  CD   . GLN A 1 4 ? -1.997 2.103  3.470  1.00 5.76  ? 4   GLN A CD   1 
ATOM   53  O  OE1  . GLN A 1 4 ? -0.959 2.466  4.024  1.00 6.03  ? 4   GLN A OE1  1 
ATOM   54  N  NE2  . GLN A 1 4 ? -3.204 2.329  4.001  1.00 6.46  ? 4   GLN A NE2  1 
ATOM   55  H  H    . GLN A 1 4 ? 0.737  1.241  -0.293 1.00 3.99  ? 4   GLN A H    1 
ATOM   56  H  HA   . GLN A 1 4 ? -2.089 0.751  -0.472 1.00 4.36  ? 4   GLN A HA   1 
ATOM   57  H  HB2  . GLN A 1 4 ? -0.808 2.704  1.117  1.00 4.87  ? 4   GLN A HB2  1 
ATOM   58  H  HB3  . GLN A 1 4 ? -2.345 2.803  0.748  1.00 4.80  ? 4   GLN A HB3  1 
ATOM   59  H  HG2  . GLN A 1 4 ? -2.834 0.969  2.010  1.00 5.36  ? 4   GLN A HG2  1 
ATOM   60  H  HG3  . GLN A 1 4 ? -1.300 0.658  2.236  1.00 5.27  ? 4   GLN A HG3  1 
ATOM   61  H  HE21 . GLN A 1 4 ? -3.322 2.249  4.849  1.00 6.31  ? 4   GLN A HE21 1 
ATOM   62  H  HE22 . GLN A 1 4 ? -3.861 2.552  3.494  1.00 6.30  ? 4   GLN A HE22 1 
ATOM   63  N  N    . ASN A 1 5 ? -2.370 2.063  -2.534 1.00 4.66  ? 5   ASN A N    1 
ATOM   64  C  CA   . ASN A 1 5 ? -2.526 2.737  -3.849 1.00 4.70  ? 5   ASN A CA   1 
ATOM   65  C  C    . ASN A 1 5 ? -3.808 3.621  -3.818 1.00 5.06  ? 5   ASN A C    1 
ATOM   66  O  O    . ASN A 1 5 ? -4.933 3.141  -4.053 1.00 5.13  ? 5   ASN A O    1 
ATOM   67  C  CB   . ASN A 1 5 ? -2.567 1.682  -4.963 1.00 4.66  ? 5   ASN A CB   1 
ATOM   68  C  CG   . ASN A 1 5 ? -1.398 0.681  -4.870 1.00 4.65  ? 5   ASN A CG   1 
ATOM   69  O  OD1  . ASN A 1 5 ? -0.236 1.058  -5.041 1.00 4.69  ? 5   ASN A OD1  1 
ATOM   70  N  ND2  . ASN A 1 5 ? -1.699 -0.583 -4.578 1.00 4.62  ? 5   ASN A ND2  1 
ATOM   71  H  H    . ASN A 1 5 ? -3.130 1.423  -2.351 1.00 4.60  ? 5   ASN A H    1 
ATOM   72  H  HA   . ASN A 1 5 ? -1.757 3.317  -4.026 1.00 4.73  ? 5   ASN A HA   1 
ATOM   73  H  HB2  . ASN A 1 5 ? -3.397 1.185  -4.904 1.00 4.66  ? 5   ASN A HB2  1 
ATOM   74  H  HB3  . ASN A 1 5 ? -2.508 2.129  -5.821 1.00 4.64  ? 5   ASN A HB3  1 
ATOM   75  H  HD21 . ASN A 1 5 ? -1.116 -1.309 -4.887 1.00 4.50  ? 5   ASN A HD21 1 
ATOM   76  H  HD22 . ASN A 1 5 ? -2.497 -0.792 -4.050 1.00 4.53  ? 5   ASN A HD22 1 
ATOM   77  N  N    . TYR A 1 6 ? -3.626 4.909  -3.573 1.00 5.36  ? 6   TYR A N    1 
ATOM   78  C  CA   . TYR A 1 6 ? -4.749 5.846  -3.363 1.00 5.90  ? 6   TYR A CA   1 
ATOM   79  C  C    . TYR A 1 6 ? -5.432 6.320  -4.671 1.00 6.41  ? 6   TYR A C    1 
ATOM   80  O  O    . TYR A 1 6 ? -4.861 6.167  -5.751 1.00 6.66  ? 6   TYR A O    1 
ATOM   81  C  CB   . TYR A 1 6 ? -4.308 7.015  -2.463 1.00 6.13  ? 6   TYR A CB   1 
ATOM   82  C  CG   . TYR A 1 6 ? -3.790 6.607  -1.050 1.00 6.20  ? 6   TYR A CG   1 
ATOM   83  C  CD1  . TYR A 1 6 ? -2.418 6.326  -0.826 1.00 6.54  ? 6   TYR A CD1  1 
ATOM   84  C  CD2  . TYR A 1 6 ? -4.632 6.490  0.044  1.00 6.35  ? 6   TYR A CD2  1 
ATOM   85  C  CE1  . TYR A 1 6 ? -1.934 5.955  0.448  1.00 6.61  ? 6   TYR A CE1  1 
ATOM   86  C  CE2  . TYR A 1 6 ? -4.161 6.122  1.306  1.00 6.61  ? 6   TYR A CE2  1 
ATOM   87  C  CZ   . TYR A 1 6 ? -2.803 5.839  1.511  1.00 6.65  ? 6   TYR A CZ   1 
ATOM   88  O  OH   . TYR A 1 6 ? -2.312 5.484  2.755  1.00 7.06  ? 6   TYR A OH   1 
ATOM   89  O  OXT  . TYR A 1 6 ? -6.583 6.801  -4.707 1.00 7.63  ? 6   TYR A OXT  1 
ATOM   90  H  H    . TYR A 1 6 ? -2.718 5.349  -3.516 1.00 5.43  ? 6   TYR A H    1 
ATOM   91  H  HA   . TYR A 1 6 ? -5.439 5.377  -2.851 1.00 5.87  ? 6   TYR A HA   1 
ATOM   92  H  HB2  . TYR A 1 6 ? -3.596 7.496  -2.911 1.00 6.09  ? 6   TYR A HB2  1 
ATOM   93  H  HB3  . TYR A 1 6 ? -5.066 7.607  -2.335 1.00 5.93  ? 6   TYR A HB3  1 
ATOM   94  H  HD1  . TYR A 1 6 ? -1.821 6.392  -1.535 1.00 6.54  ? 6   TYR A HD1  1 
ATOM   95  H  HD2  . TYR A 1 6 ? -5.539 6.664  -0.066 1.00 6.25  ? 6   TYR A HD2  1 
ATOM   96  H  HE1  . TYR A 1 6 ? -1.029 5.776  0.568  1.00 6.58  ? 6   TYR A HE1  1 
ATOM   97  H  HE2  . TYR A 1 6 ? -4.757 6.053  2.018  1.00 6.58  ? 6   TYR A HE2  1 
ATOM   98  H  HH   . TYR A 1 6 ? -2.784 4.903  3.091  1.00 6.96  ? 6   TYR A HH   1 
HETATM 99  CD CD   . CD  B 2 . ? -6.772 6.797  -7.183 1.00 11.34 ? 101 CD  A CD   1 
HETATM 100 C  C    . ACT C 3 . ? -5.990 9.693  -7.247 1.00 17.10 ? 102 ACT A C    1 
HETATM 101 O  O    . ACT C 3 . ? -4.882 9.171  -7.475 1.00 14.54 ? 102 ACT A O    1 
HETATM 102 O  OXT  . ACT C 3 . ? -7.039 9.011  -7.316 1.00 15.85 ? 102 ACT A OXT  1 
HETATM 103 C  CH3  . ACT C 3 . ? -6.097 11.142 -6.852 1.00 18.10 ? 102 ACT A CH3  1 
HETATM 104 H  H1   . ACT C 3 . ? -5.437 11.339 -6.048 1.00 17.96 ? 102 ACT A H1   1 
HETATM 105 H  H2   . ACT C 3 . ? -7.091 11.354 -6.553 1.00 18.23 ? 102 ACT A H2   1 
HETATM 106 H  H3   . ACT C 3 . ? -5.840 11.752 -7.679 1.00 18.18 ? 102 ACT A H3   1 
HETATM 107 O  O    . HOH D 4 . ? -6.583 4.190  -6.870 1.00 21.83 ? 201 HOH A O    1 
HETATM 108 O  O    . HOH D 4 . ? -3.272 4.428  -7.453 1.00 8.32  ? 202 HOH A O    1 
HETATM 109 O  O    . HOH D 4 . ? -0.951 3.806  6.615  1.00 17.97 ? 203 HOH A O    1 
HETATM 110 O  O    . HOH D 4 . ? 9.389  -7.638 6.136  1.00 6.22  ? 204 HOH A O    1 
HETATM 111 O  O    . HOH D 4 . ? -8.799 7.666  -2.994 1.00 16.44 ? 205 HOH A O    1 
HETATM 112 O  O    . HOH D 4 . ? -1.637 0.060  6.450  1.00 19.06 ? 206 HOH A O    1 
HETATM 113 O  O    . HOH D 4 . ? -7.248 9.956  -4.139 1.00 22.93 ? 207 HOH A O    1 
# 
loop_
_atom_site_anisotrop.id 
_atom_site_anisotrop.type_symbol 
_atom_site_anisotrop.pdbx_label_atom_id 
_atom_site_anisotrop.pdbx_label_alt_id 
_atom_site_anisotrop.pdbx_label_comp_id 
_atom_site_anisotrop.pdbx_label_asym_id 
_atom_site_anisotrop.pdbx_label_seq_id 
_atom_site_anisotrop.pdbx_PDB_ins_code 
_atom_site_anisotrop.U[1][1] 
_atom_site_anisotrop.U[2][2] 
_atom_site_anisotrop.U[3][3] 
_atom_site_anisotrop.U[1][2] 
_atom_site_anisotrop.U[1][3] 
_atom_site_anisotrop.U[2][3] 
_atom_site_anisotrop.pdbx_auth_seq_id 
_atom_site_anisotrop.pdbx_auth_comp_id 
_atom_site_anisotrop.pdbx_auth_asym_id 
_atom_site_anisotrop.pdbx_auth_atom_id 
1   N  N    . ASN A 1 ? 0.0395 0.0389 0.0956 0.0076  -0.0068 0.0043  1   ASN A N    
2   C  CA   . ASN A 1 ? 0.0371 0.0355 0.0954 0.0094  -0.0107 0.0040  1   ASN A CA   
3   C  C    . ASN A 1 ? 0.0329 0.0330 0.0950 0.0064  -0.0074 0.0057  1   ASN A C    
4   O  O    . ASN A 1 ? 0.0347 0.0308 0.0991 0.0055  -0.0118 0.0047  1   ASN A O    
5   C  CB   . ASN A 1 ? 0.0388 0.0368 0.0970 0.0110  -0.0122 0.0022  1   ASN A CB   
6   C  CG   . ASN A 1 ? 0.0405 0.0383 0.0991 0.0126  -0.0136 0.0012  1   ASN A CG   
7   O  OD1  . ASN A 1 ? 0.0422 0.0393 0.1047 0.0134  -0.0171 0.0008  1   ASN A OD1  
8   N  ND2  . ASN A 1 ? 0.0421 0.0386 0.0944 0.0136  -0.0134 0.0003  1   ASN A ND2  
9   H  H    . ASN A 1 ? 0.0389 0.0388 0.0950 0.0085  -0.0078 0.0044  1   ASN A H    
10  H  HA   . ASN A 1 ? 0.0369 0.0361 0.0951 0.0088  -0.0099 0.0040  1   ASN A HA   
11  H  HB2  . ASN A 1 ? 0.0387 0.0376 0.0962 0.0114  -0.0124 0.0019  1   ASN A HB2  
12  H  HB3  . ASN A 1 ? 0.0383 0.0375 0.0964 0.0111  -0.0122 0.0023  1   ASN A HB3  
13  H  HD21 . ASN A 1 ? 0.0424 0.0393 0.0930 0.0136  -0.0133 -0.0010 1   ASN A HD21 
14  H  HD22 . ASN A 1 ? 0.0418 0.0399 0.0948 0.0141  -0.0131 0.0003  1   ASN A HD22 
15  N  N    . ASN A 2 ? 0.0338 0.0331 0.0916 0.0071  -0.0065 0.0053  2   ASN A N    
16  C  CA   . ASN A 2 ? 0.0355 0.0344 0.0891 0.0083  -0.0053 0.0080  2   ASN A CA   
17  C  C    . ASN A 2 ? 0.0326 0.0329 0.0828 0.0065  -0.0063 0.0044  2   ASN A C    
18  O  O    . ASN A 2 ? 0.0337 0.0311 0.0810 0.0053  -0.0082 0.0057  2   ASN A O    
19  C  CB   . ASN A 2 ? 0.0417 0.0386 0.0944 0.0123  -0.0005 0.0056  2   ASN A CB   
20  C  CG   . ASN A 2 ? 0.0472 0.0439 0.1043 0.0178  -0.0006 0.0053  2   ASN A CG   
21  O  OD1  . ASN A 2 ? 0.0515 0.0473 0.1208 0.0130  0.0088  0.0029  2   ASN A OD1  
22  N  ND2  . ASN A 2 ? 0.0555 0.0443 0.1079 0.0189  0.0044  0.0046  2   ASN A ND2  
23  H  H    . ASN A 2 ? 0.0340 0.0332 0.0912 0.0070  -0.0066 0.0061  2   ASN A H    
24  H  HA   . ASN A 2 ? 0.0355 0.0344 0.0889 0.0081  -0.0054 0.0061  2   ASN A HA   
25  H  HB2  . ASN A 2 ? 0.0413 0.0391 0.0943 0.0124  -0.0017 0.0061  2   ASN A HB2  
26  H  HB3  . ASN A 2 ? 0.0415 0.0392 0.0952 0.0126  -0.0016 0.0059  2   ASN A HB3  
27  H  HD21 . ASN A 2 ? 0.0542 0.0457 0.1019 0.0177  0.0034  0.0035  2   ASN A HD21 
28  H  HD22 . ASN A 2 ? 0.0540 0.0452 0.1051 0.0189  0.0028  0.0043  2   ASN A HD22 
29  N  N    . GLN A 3 ? 0.0335 0.0325 0.0788 0.0042  -0.0060 0.0047  3   GLN A N    
30  C  CA   . GLN A 3 ? 0.0313 0.0309 0.0749 0.0048  -0.0072 0.0025  3   GLN A CA   
31  C  C    . GLN A 3 ? 0.0318 0.0348 0.0763 0.0059  -0.0083 0.0051  3   GLN A C    
32  O  O    . GLN A 3 ? 0.0333 0.0346 0.0821 0.0051  -0.0106 0.0092  3   GLN A O    
33  C  CB   . GLN A 3 ? 0.0312 0.0309 0.0731 0.0026  -0.0080 0.0026  3   GLN A CB   
34  C  CG   . GLN A 3 ? 0.0308 0.0313 0.0713 0.0014  -0.0067 0.0013  3   GLN A CG   
35  C  CD   . GLN A 3 ? 0.0314 0.0273 0.0739 0.0032  -0.0060 0.0003  3   GLN A CD   
36  O  OE1  . GLN A 3 ? 0.0310 0.0346 0.0804 0.0005  -0.0047 0.0011  3   GLN A OE1  
37  N  NE2  . GLN A 3 ? 0.0333 0.0283 0.0728 0.0010  -0.0063 0.0005  3   GLN A NE2  
38  H  H    . GLN A 3 ? 0.0324 0.0321 0.0785 0.0049  -0.0063 0.0042  3   GLN A H    
39  H  HA   . GLN A 3 ? 0.0316 0.0316 0.0755 0.0043  -0.0074 0.0035  3   GLN A HA   
40  H  HB2  . GLN A 3 ? 0.0313 0.0307 0.0703 0.0026  -0.0082 0.0019  3   GLN A HB2  
41  H  HB3  . GLN A 3 ? 0.0313 0.0308 0.0724 0.0027  -0.0076 0.0019  3   GLN A HB3  
42  H  HG2  . GLN A 3 ? 0.0318 0.0305 0.0691 0.0016  -0.0071 0.0011  3   GLN A HG2  
43  H  HG3  . GLN A 3 ? 0.0308 0.0301 0.0710 0.0017  -0.0068 0.0013  3   GLN A HG3  
44  H  HE21 . GLN A 3 ? 0.0320 0.0285 0.0719 0.0020  -0.0062 0.0011  3   GLN A HE21 
45  H  HE22 . GLN A 3 ? 0.0317 0.0283 0.0716 0.0017  -0.0062 0.0013  3   GLN A HE22 
46  N  N    . GLN A 4 ? 0.0362 0.0357 0.0797 0.0074  -0.0071 0.0072  4   GLN A N    
47  C  CA   . GLN A 4 ? 0.0371 0.0423 0.0860 0.0095  -0.0068 0.0106  4   GLN A CA   
48  C  C    . GLN A 4 ? 0.0379 0.0416 0.0895 0.0093  -0.0059 0.0127  4   GLN A C    
49  O  O    . GLN A 4 ? 0.0419 0.0414 0.1007 0.0082  -0.0038 0.0146  4   GLN A O    
50  C  CB   . GLN A 4 ? 0.0478 0.0510 0.0888 0.0126  -0.0055 0.0089  4   GLN A CB   
51  C  CG   . GLN A 4 ? 0.0534 0.0609 0.0894 0.0166  -0.0023 0.0110  4   GLN A CG   
52  C  CD   . GLN A 4 ? 0.0607 0.0660 0.0922 0.0226  -0.0012 0.0099  4   GLN A CD   
53  O  OE1  . GLN A 4 ? 0.0616 0.0682 0.0990 0.0264  -0.0039 0.0071  4   GLN A OE1  
54  N  NE2  . GLN A 4 ? 0.0650 0.0853 0.0950 0.0197  0.0041  0.0107  4   GLN A NE2  
55  H  H    . GLN A 4 ? 0.0355 0.0367 0.0794 0.0074  -0.0073 0.0070  4   GLN A H    
56  H  HA   . GLN A 4 ? 0.0387 0.0416 0.0850 0.0091  -0.0066 0.0097  4   GLN A HA   
57  H  HB2  . GLN A 4 ? 0.0473 0.0513 0.0864 0.0129  -0.0052 0.0098  4   GLN A HB2  
58  H  HB3  . GLN A 4 ? 0.0476 0.0511 0.0834 0.0119  -0.0056 0.0101  4   GLN A HB3  
59  H  HG2  . GLN A 4 ? 0.0539 0.0613 0.0884 0.0172  -0.0027 0.0102  4   GLN A HG2  
60  H  HG3  . GLN A 4 ? 0.0547 0.0604 0.0850 0.0167  -0.0029 0.0103  4   GLN A HG3  
61  H  HE21 . GLN A 4 ? 0.0652 0.0802 0.0945 0.0202  0.0030  0.0111  4   GLN A HE21 
62  H  HE22 . GLN A 4 ? 0.0665 0.0786 0.0941 0.0204  0.0043  0.0113  4   GLN A HE22 
63  N  N    . ASN A 5 ? 0.0406 0.0445 0.0917 0.0083  -0.0071 0.0103  5   ASN A N    
64  C  CA   . ASN A 5 ? 0.0373 0.0473 0.0939 0.0116  -0.0057 0.0120  5   ASN A CA   
65  C  C    . ASN A 5 ? 0.0430 0.0513 0.0978 0.0170  -0.0066 0.0106  5   ASN A C    
66  O  O    . ASN A 5 ? 0.0402 0.0503 0.1043 0.0186  -0.0029 0.0083  5   ASN A O    
67  C  CB   . ASN A 5 ? 0.0355 0.0502 0.0912 0.0092  -0.0063 0.0122  5   ASN A CB   
68  C  CG   . ASN A 5 ? 0.0318 0.0522 0.0926 0.0084  -0.0057 0.0081  5   ASN A CG   
69  O  OD1  . ASN A 5 ? 0.0320 0.0457 0.1004 0.0104  -0.0016 0.0045  5   ASN A OD1  
70  N  ND2  . ASN A 5 ? 0.0288 0.0527 0.0938 0.0093  -0.0017 0.0085  5   ASN A ND2  
71  H  H    . ASN A 5 ? 0.0395 0.0444 0.0907 0.0093  -0.0066 0.0111  5   ASN A H    
72  H  HA   . ASN A 5 ? 0.0386 0.0474 0.0935 0.0108  -0.0058 0.0114  5   ASN A HA   
73  H  HB2  . ASN A 5 ? 0.0348 0.0504 0.0917 0.0097  -0.0058 0.0107  5   ASN A HB2  
74  H  HB3  . ASN A 5 ? 0.0350 0.0504 0.0905 0.0093  -0.0061 0.0114  5   ASN A HB3  
75  H  HD21 . ASN A 5 ? 0.0299 0.0530 0.0881 0.0086  -0.0024 0.0069  5   ASN A HD21 
76  H  HD22 . ASN A 5 ? 0.0292 0.0520 0.0909 0.0085  -0.0028 0.0075  5   ASN A HD22 
77  N  N    . TYR A 6 ? 0.0512 0.0524 0.0998 0.0191  -0.0031 0.0073  6   TYR A N    
78  C  CA   . TYR A 6 ? 0.0562 0.0607 0.1071 0.0249  0.0013  0.0086  6   TYR A CA   
79  C  C    . TYR A 6 ? 0.0663 0.0663 0.1107 0.0280  0.0029  0.0129  6   TYR A C    
80  O  O    . TYR A 6 ? 0.0726 0.0712 0.1089 0.0330  0.0035  0.0113  6   TYR A O    
81  C  CB   . TYR A 6 ? 0.0631 0.0607 0.1091 0.0248  -0.0007 0.0077  6   TYR A CB   
82  C  CG   . TYR A 6 ? 0.0690 0.0586 0.1078 0.0217  -0.0007 0.0065  6   TYR A CG   
83  C  CD1  . TYR A 6 ? 0.0708 0.0624 0.1151 0.0230  -0.0023 0.0099  6   TYR A CD1  
84  C  CD2  . TYR A 6 ? 0.0643 0.0634 0.1136 0.0254  0.0007  0.0084  6   TYR A CD2  
85  C  CE1  . TYR A 6 ? 0.0721 0.0645 0.1145 0.0227  -0.0011 0.0099  6   TYR A CE1  
86  C  CE2  . TYR A 6 ? 0.0734 0.0661 0.1117 0.0231  0.0028  0.0082  6   TYR A CE2  
87  C  CZ   . TYR A 6 ? 0.0754 0.0624 0.1146 0.0260  -0.0001 0.0102  6   TYR A CZ   
88  O  OH   . TYR A 6 ? 0.0871 0.0654 0.1155 0.0281  -0.0012 0.0070  6   TYR A OH   
89  O  OXT  . TYR A 6 ? 0.0719 0.0834 0.1344 0.0385  0.0027  0.0137  6   TYR A OXT  
90  H  H    . TYR A 6 ? 0.0506 0.0545 0.1009 0.0196  -0.0030 0.0086  6   TYR A H    
91  H  HA   . TYR A 6 ? 0.0578 0.0599 0.1053 0.0242  0.0002  0.0093  6   TYR A HA   
92  H  HB2  . TYR A 6 ? 0.0642 0.0611 0.1061 0.0251  -0.0004 0.0078  6   TYR A HB2  
93  H  HB3  . TYR A 6 ? 0.0636 0.0602 0.1014 0.0245  -0.0012 0.0070  6   TYR A HB3  
94  H  HD1  . TYR A 6 ? 0.0722 0.0626 0.1136 0.0231  -0.0022 0.0096  6   TYR A HD1  
95  H  HD2  . TYR A 6 ? 0.0654 0.0621 0.1099 0.0259  -0.0007 0.0085  6   TYR A HD2  
96  H  HE1  . TYR A 6 ? 0.0734 0.0631 0.1134 0.0250  -0.0014 0.0109  6   TYR A HE1  
97  H  HE2  . TYR A 6 ? 0.0723 0.0655 0.1121 0.0247  0.0023  0.0095  6   TYR A HE2  
98  H  HH   . TYR A 6 ? 0.0840 0.0668 0.1133 0.0296  -0.0009 0.0082  6   TYR A HH   
99  CD CD   . CD  B . ? 0.1096 0.1312 0.1898 0.0399  -0.0020 0.0037  101 CD  A CD   
100 C  C    . ACT C . ? 0.1997 0.2060 0.2439 0.0158  -0.0237 -0.0101 102 ACT A C    
101 O  O    . ACT C . ? 0.1841 0.1822 0.1861 -0.0117 -0.0086 -0.0150 102 ACT A O    
102 O  OXT  . ACT C . ? 0.2032 0.1695 0.2295 0.0275  -0.0369 -0.0323 102 ACT A OXT  
103 C  CH3  . ACT C . ? 0.2261 0.2066 0.2548 -0.0092 -0.0339 -0.0121 102 ACT A CH3  
104 H  H1   . ACT C . ? 0.2227 0.2106 0.2490 -0.0016 -0.0299 -0.0115 102 ACT A H1   
105 H  H2   . ACT C . ? 0.2295 0.2102 0.2529 0.0000  -0.0297 -0.0095 102 ACT A H2   
106 H  H3   . ACT C . ? 0.2249 0.2128 0.2529 -0.0015 -0.0267 -0.0112 102 ACT A H3   
107 O  O    . HOH D . ? 0.3224 0.0723 0.4346 0.1056  0.0690  0.0853  201 HOH A O    
108 O  O    . HOH D . ? 0.0637 0.0876 0.1646 -0.0003 -0.0190 0.0328  202 HOH A O    
109 O  O    . HOH D . ? 0.2407 0.2836 0.1585 -0.0374 -0.0092 -0.0056 203 HOH A O    
110 O  O    . HOH D . ? 0.0554 0.0338 0.1471 0.0159  0.0082  0.0052  204 HOH A O    
111 O  O    . HOH D . ? 0.1993 0.1483 0.2768 0.0440  -0.0119 0.0878  205 HOH A O    
112 O  O    . HOH D . ? 0.2536 0.2271 0.2432 -0.0561 -0.0080 0.0009  206 HOH A O    
113 O  O    . HOH D . ? 0.3475 0.2579 0.2656 0.0119  0.0542  0.0145  207 HOH A O    
# 
